data_3CIH
#
_entry.id   3CIH
#
_cell.length_a   146.895
_cell.length_b   146.895
_cell.length_c   198.847
_cell.angle_alpha   90.00
_cell.angle_beta   90.00
_cell.angle_gamma   90.00
#
_symmetry.space_group_name_H-M   'I 4 2 2'
#
loop_
_entity.id
_entity.type
_entity.pdbx_description
1 polymer 'Putative alpha-rhamnosidase'
2 non-polymer 2-AMINO-2-HYDROXYMETHYL-PROPANE-1,3-DIOL
3 non-polymer 1,2-ETHANEDIOL
4 water water
#
_entity_poly.entity_id   1
_entity_poly.type   'polypeptide(L)'
_entity_poly.pdbx_seq_one_letter_code
;(MSE)SLILLGALSLASSTFAQTWIWYPGDYEIWLGNQ(MSE)NNRRTERGAFFPPFWKTDSHYVVVEFSKVLNLSEPEE
VFIAAEGTYNVKLDGKLQFG(MSE)PETLLLPAGKHSLNIKVWNQATPPTIYVKGKTVNSDSSWRVTYEDKEWIDESGKA
SDTSATIY(MSE)DAGCWNFDGATQRPSQFSL(MSE)REPQQPVAKTEQPEGGILYDFGKETFGFITLKNLSGKGKIDLY
YGESPEEAKDKAYCETLDKLLLEPGQITDLAIRSTSPLHHSDNEYTLENSKAFRYVYITHEPEVQIGEVS(MSE)QYEYL
PEEYRGNFRCNDEELNCIWEVGAYT(MSE)HLTTREFFIDGIKRDRWVWSGDAIQSYL(MSE)NYYLFFDSESVKRTIWL
LRGKDPVTSHSNTI(MSE)DYTFYWFLSVYDYY(MSE)YSGDRHFVNQLYPR(MSE)QT(MSE)(MSE)DYVLGRTNKNG
(MSE)VEG(MSE)SGDWVFVDWADGYLDKKGELSFEQVLFCRSLET(MSE)ALCADLVGDKDGQQKYEKLASALKAKLEP
TFWNNQKQAFVHNCVDGRQSDAVTRYAN(MSE)FSVFFDYLNADKQQAIKQSVLLNDEILKITTPY(MSE)RFYELEALC
ALGEQETV(MSE)KE(MSE)KAYWGG(MSE)LKAGATSFWEKYNPEESGTQHLA(MSE)YGRPYGKSLCHAWGASPIYLL
GKYYLGVKPTKEGYKEFAVSPVLGGLKW(MSE)EGTVPTPNGDIHVY(MSE)DNKTIKVKATEGKGYLTIQSRRQPKAN
(MSE)GTVEKVSEGVWRLWIDSPEERIVTYRLEGHHHHHH
;
_entity_poly.pdbx_strand_id   A
#
# COMPACT_ATOMS: atom_id res chain seq x y z
N GLN A 18 -21.71 -8.77 -15.16
CA GLN A 18 -20.54 -8.64 -16.09
C GLN A 18 -19.65 -7.45 -15.75
N THR A 19 -18.39 -7.53 -16.19
CA THR A 19 -17.42 -6.47 -15.94
C THR A 19 -16.25 -6.62 -16.94
N TRP A 20 -15.46 -5.57 -17.11
CA TRP A 20 -14.32 -5.67 -18.02
C TRP A 20 -13.29 -6.59 -17.39
N ILE A 21 -12.69 -7.46 -18.21
CA ILE A 21 -11.70 -8.40 -17.68
C ILE A 21 -10.40 -8.38 -18.47
N TRP A 22 -9.34 -8.82 -17.82
CA TRP A 22 -8.00 -8.84 -18.40
C TRP A 22 -7.14 -9.95 -17.80
N TYR A 23 -5.91 -10.07 -18.29
CA TYR A 23 -4.96 -11.05 -17.75
C TYR A 23 -4.61 -10.48 -16.38
N PRO A 24 -4.78 -11.28 -15.32
CA PRO A 24 -4.48 -10.83 -13.96
C PRO A 24 -3.13 -10.17 -13.72
N GLY A 25 -3.15 -9.01 -13.09
CA GLY A 25 -1.91 -8.30 -12.81
C GLY A 25 -1.51 -7.37 -13.95
N ASP A 26 -1.87 -7.73 -15.19
CA ASP A 26 -1.51 -6.89 -16.33
C ASP A 26 -2.13 -5.49 -16.33
N TYR A 27 -3.38 -5.36 -15.87
CA TYR A 27 -3.98 -4.03 -15.85
C TYR A 27 -3.30 -3.20 -14.78
N GLU A 28 -3.12 -3.82 -13.63
CA GLU A 28 -2.47 -3.19 -12.48
C GLU A 28 -1.07 -2.67 -12.82
N ILE A 29 -0.31 -3.47 -13.56
CA ILE A 29 1.04 -3.08 -13.93
C ILE A 29 0.99 -1.87 -14.86
N TRP A 30 0.15 -1.94 -15.89
CA TRP A 30 0.01 -0.83 -16.84
C TRP A 30 -0.46 0.44 -16.16
N LEU A 31 -1.47 0.32 -15.29
CA LEU A 31 -2.00 1.48 -14.60
C LEU A 31 -0.97 2.02 -13.62
N GLY A 32 -0.14 1.13 -13.09
CA GLY A 32 0.90 1.55 -12.15
C GLY A 32 2.01 2.32 -12.83
N ASN A 33 2.34 1.91 -14.05
CA ASN A 33 3.37 2.60 -14.80
C ASN A 33 2.86 4.02 -15.08
N GLN A 34 1.59 4.12 -15.45
CA GLN A 34 1.01 5.43 -15.74
C GLN A 34 1.09 6.38 -14.55
N ASN A 36 3.06 6.02 -11.61
CA ASN A 36 4.44 6.23 -11.18
C ASN A 36 5.13 7.27 -12.07
N ASN A 37 4.88 7.18 -13.38
CA ASN A 37 5.54 8.09 -14.31
C ASN A 37 4.99 9.51 -14.31
N ARG A 38 4.10 9.80 -13.35
CA ARG A 38 3.54 11.13 -13.22
C ARG A 38 4.40 11.94 -12.27
N ARG A 39 5.38 11.30 -11.63
CA ARG A 39 6.26 12.02 -10.74
C ARG A 39 7.06 13.02 -11.56
N THR A 40 7.32 14.18 -10.98
CA THR A 40 8.13 15.18 -11.66
C THR A 40 9.05 15.84 -10.66
N GLU A 41 10.13 16.38 -11.19
CA GLU A 41 11.07 17.13 -10.37
C GLU A 41 11.31 18.38 -11.19
N ARG A 42 10.87 19.51 -10.64
CA ARG A 42 11.02 20.79 -11.31
C ARG A 42 10.72 20.73 -12.81
N GLY A 43 9.56 20.19 -13.16
CA GLY A 43 9.15 20.14 -14.55
C GLY A 43 9.62 18.99 -15.41
N ALA A 44 10.39 18.07 -14.84
CA ALA A 44 10.89 16.96 -15.64
C ALA A 44 10.27 15.62 -15.24
N PHE A 45 9.84 14.89 -16.26
CA PHE A 45 9.26 13.56 -16.11
C PHE A 45 10.29 12.72 -15.34
N PHE A 46 9.82 11.93 -14.37
CA PHE A 46 10.74 11.15 -13.54
C PHE A 46 10.28 9.70 -13.25
N PRO A 47 10.58 8.77 -14.16
CA PRO A 47 10.18 7.37 -13.95
C PRO A 47 11.07 6.68 -12.92
N PRO A 48 10.65 5.52 -12.41
CA PRO A 48 11.45 4.80 -11.41
C PRO A 48 12.81 4.38 -11.96
N PHE A 49 13.76 4.11 -11.07
CA PHE A 49 15.10 3.69 -11.50
C PHE A 49 15.17 2.17 -11.66
N TRP A 50 14.16 1.47 -11.17
CA TRP A 50 14.13 0.02 -11.32
C TRP A 50 13.38 -0.27 -12.62
N LYS A 51 13.56 -1.48 -13.13
CA LYS A 51 12.92 -1.90 -14.36
C LYS A 51 11.39 -1.73 -14.37
N THR A 52 10.88 -1.22 -15.48
CA THR A 52 9.44 -1.05 -15.64
C THR A 52 8.93 -2.20 -16.49
N ASP A 53 7.94 -2.93 -16.00
CA ASP A 53 7.41 -4.06 -16.75
C ASP A 53 6.22 -3.66 -17.60
N SER A 54 5.81 -4.55 -18.49
CA SER A 54 4.72 -4.29 -19.41
C SER A 54 3.67 -5.41 -19.37
N HIS A 55 2.47 -5.12 -19.85
CA HIS A 55 1.43 -6.12 -19.89
C HIS A 55 1.68 -6.98 -21.12
N TYR A 56 1.06 -8.15 -21.20
CA TYR A 56 1.21 -9.01 -22.37
C TYR A 56 0.37 -8.38 -23.49
N VAL A 57 0.97 -8.14 -24.66
CA VAL A 57 0.24 -7.47 -25.76
C VAL A 57 -0.75 -8.31 -26.58
N VAL A 58 -0.77 -9.62 -26.37
CA VAL A 58 -1.72 -10.48 -27.05
C VAL A 58 -2.12 -11.52 -26.01
N VAL A 59 -3.41 -11.61 -25.76
CA VAL A 59 -3.95 -12.52 -24.78
C VAL A 59 -5.23 -13.16 -25.33
N GLU A 60 -5.49 -14.41 -24.95
CA GLU A 60 -6.72 -15.06 -25.39
C GLU A 60 -7.65 -15.27 -24.21
N PHE A 61 -8.87 -14.79 -24.36
CA PHE A 61 -9.91 -14.96 -23.34
C PHE A 61 -10.80 -16.11 -23.82
N SER A 62 -11.20 -16.99 -22.90
CA SER A 62 -12.04 -18.11 -23.29
C SER A 62 -13.00 -18.53 -22.20
N LYS A 63 -14.10 -19.16 -22.61
CA LYS A 63 -15.11 -19.63 -21.68
C LYS A 63 -15.89 -20.78 -22.29
N VAL A 64 -15.94 -21.91 -21.58
CA VAL A 64 -16.67 -23.07 -22.04
C VAL A 64 -18.13 -22.87 -21.63
N LEU A 65 -19.03 -22.99 -22.59
CA LEU A 65 -20.45 -22.77 -22.34
C LEU A 65 -21.36 -23.99 -22.55
N ASN A 66 -22.41 -24.04 -21.75
CA ASN A 66 -23.42 -25.10 -21.86
C ASN A 66 -24.73 -24.35 -21.65
N LEU A 67 -25.35 -23.96 -22.75
CA LEU A 67 -26.59 -23.19 -22.72
C LEU A 67 -27.84 -24.01 -22.96
N SER A 68 -28.86 -23.76 -22.13
CA SER A 68 -30.13 -24.46 -22.22
C SER A 68 -31.04 -23.76 -23.23
N GLU A 69 -30.64 -22.56 -23.66
CA GLU A 69 -31.39 -21.79 -24.63
C GLU A 69 -30.47 -20.78 -25.33
N PRO A 70 -30.71 -20.53 -26.63
CA PRO A 70 -29.89 -19.58 -27.38
C PRO A 70 -29.94 -18.18 -26.79
N GLU A 71 -28.79 -17.50 -26.77
CA GLU A 71 -28.72 -16.14 -26.26
C GLU A 71 -27.68 -15.36 -27.04
N GLU A 72 -27.91 -14.06 -27.14
CA GLU A 72 -27.00 -13.19 -27.86
C GLU A 72 -26.14 -12.39 -26.89
N VAL A 73 -24.85 -12.30 -27.16
CA VAL A 73 -23.97 -11.53 -26.29
C VAL A 73 -23.44 -10.30 -26.98
N PHE A 74 -23.25 -9.23 -26.21
CA PHE A 74 -22.68 -7.99 -26.72
C PHE A 74 -21.19 -8.12 -26.42
N ILE A 75 -20.35 -7.71 -27.36
CA ILE A 75 -18.91 -7.81 -27.18
C ILE A 75 -18.22 -6.48 -27.41
N ALA A 76 -17.42 -6.07 -26.44
CA ALA A 76 -16.66 -4.84 -26.51
C ALA A 76 -15.22 -5.18 -26.15
N ALA A 77 -14.26 -4.42 -26.66
CA ALA A 77 -12.87 -4.69 -26.35
C ALA A 77 -11.96 -3.50 -26.60
N GLU A 78 -10.86 -3.45 -25.85
CA GLU A 78 -9.87 -2.41 -26.04
C GLU A 78 -8.74 -3.14 -26.77
N GLY A 79 -8.57 -2.82 -28.05
CA GLY A 79 -7.56 -3.47 -28.86
C GLY A 79 -8.16 -4.16 -30.06
N THR A 80 -7.31 -4.71 -30.91
CA THR A 80 -7.73 -5.44 -32.10
C THR A 80 -8.08 -6.85 -31.63
N TYR A 81 -9.15 -7.42 -32.17
CA TYR A 81 -9.52 -8.76 -31.72
C TYR A 81 -10.22 -9.61 -32.75
N ASN A 82 -10.34 -10.89 -32.43
CA ASN A 82 -11.07 -11.84 -33.27
C ASN A 82 -11.98 -12.62 -32.35
N VAL A 83 -12.94 -13.33 -32.92
CA VAL A 83 -13.87 -14.12 -32.13
C VAL A 83 -13.99 -15.50 -32.72
N LYS A 84 -13.75 -16.51 -31.91
CA LYS A 84 -13.81 -17.89 -32.38
C LYS A 84 -14.85 -18.66 -31.58
N LEU A 85 -15.80 -19.28 -32.28
CA LEU A 85 -16.84 -20.07 -31.63
C LEU A 85 -16.69 -21.50 -32.10
N ASP A 86 -16.37 -22.39 -31.17
CA ASP A 86 -16.17 -23.81 -31.48
C ASP A 86 -15.15 -24.00 -32.60
N GLY A 87 -14.03 -23.28 -32.50
CA GLY A 87 -12.99 -23.41 -33.50
C GLY A 87 -13.19 -22.64 -34.79
N LYS A 88 -14.33 -21.98 -34.94
CA LYS A 88 -14.61 -21.22 -36.16
C LYS A 88 -14.46 -19.70 -36.03
N LEU A 89 -13.49 -19.16 -36.74
CA LEU A 89 -13.23 -17.72 -36.74
C LEU A 89 -14.36 -16.94 -37.38
N GLN A 90 -14.94 -15.99 -36.63
CA GLN A 90 -16.02 -15.15 -37.14
C GLN A 90 -15.40 -14.06 -38.02
N PHE A 91 -16.23 -13.40 -38.82
CA PHE A 91 -15.74 -12.34 -39.68
C PHE A 91 -15.47 -11.08 -38.85
N GLY A 92 -14.40 -10.37 -39.21
CA GLY A 92 -14.02 -9.13 -38.55
C GLY A 92 -14.05 -9.04 -37.03
N PRO A 94 -16.95 -8.59 -34.58
CA PRO A 94 -18.37 -8.48 -34.24
C PRO A 94 -18.63 -7.89 -32.86
N GLU A 95 -19.69 -7.09 -32.77
CA GLU A 95 -20.07 -6.48 -31.50
C GLU A 95 -21.15 -7.31 -30.82
N THR A 96 -21.71 -8.28 -31.54
CA THR A 96 -22.72 -9.19 -30.99
C THR A 96 -22.55 -10.54 -31.66
N LEU A 97 -22.89 -11.60 -30.95
CA LEU A 97 -22.77 -12.96 -31.47
C LEU A 97 -23.90 -13.81 -30.90
N LEU A 98 -24.56 -14.60 -31.76
CA LEU A 98 -25.62 -15.46 -31.27
C LEU A 98 -25.02 -16.79 -30.83
N LEU A 99 -25.30 -17.19 -29.60
CA LEU A 99 -24.80 -18.44 -29.07
C LEU A 99 -25.92 -19.48 -29.04
N PRO A 100 -25.75 -20.57 -29.81
CA PRO A 100 -26.74 -21.66 -29.89
C PRO A 100 -26.85 -22.39 -28.57
N ALA A 101 -27.88 -23.21 -28.43
CA ALA A 101 -28.06 -23.98 -27.20
C ALA A 101 -27.06 -25.13 -27.24
N GLY A 102 -26.72 -25.67 -26.08
CA GLY A 102 -25.77 -26.78 -26.05
C GLY A 102 -24.38 -26.39 -25.57
N LYS A 103 -23.42 -27.26 -25.83
CA LYS A 103 -22.04 -27.01 -25.42
C LYS A 103 -21.23 -26.30 -26.51
N HIS A 104 -20.56 -25.22 -26.13
CA HIS A 104 -19.74 -24.46 -27.06
C HIS A 104 -18.51 -23.95 -26.34
N SER A 105 -17.59 -23.36 -27.12
CA SER A 105 -16.38 -22.78 -26.58
C SER A 105 -16.19 -21.42 -27.24
N LEU A 106 -16.28 -20.37 -26.44
CA LEU A 106 -16.12 -19.01 -26.92
C LEU A 106 -14.67 -18.54 -26.65
N ASN A 107 -13.96 -18.14 -27.71
CA ASN A 107 -12.59 -17.69 -27.59
C ASN A 107 -12.39 -16.33 -28.23
N ILE A 108 -11.88 -15.38 -27.45
CA ILE A 108 -11.64 -14.04 -27.95
C ILE A 108 -10.19 -13.66 -27.71
N LYS A 109 -9.43 -13.56 -28.80
CA LYS A 109 -8.01 -13.20 -28.72
C LYS A 109 -7.84 -11.71 -29.04
N VAL A 110 -7.21 -10.99 -28.12
CA VAL A 110 -7.03 -9.56 -28.27
C VAL A 110 -5.58 -9.10 -28.32
N TRP A 111 -5.32 -8.09 -29.15
CA TRP A 111 -4.00 -7.51 -29.32
C TRP A 111 -4.04 -6.03 -28.98
N ASN A 112 -3.24 -5.63 -28.01
CA ASN A 112 -3.20 -4.24 -27.59
C ASN A 112 -1.86 -3.89 -26.97
N GLN A 113 -1.06 -3.17 -27.74
CA GLN A 113 0.26 -2.73 -27.30
C GLN A 113 0.14 -1.46 -26.45
N ALA A 114 -0.76 -0.56 -26.85
CA ALA A 114 -0.94 0.72 -26.15
C ALA A 114 -1.50 0.63 -24.74
N THR A 115 -2.54 -0.18 -24.55
CA THR A 115 -3.11 -0.36 -23.22
C THR A 115 -3.38 -1.85 -23.09
N PRO A 116 -3.65 -2.33 -21.86
CA PRO A 116 -3.92 -3.76 -21.65
C PRO A 116 -5.08 -4.33 -22.44
N PRO A 117 -4.86 -5.50 -23.08
CA PRO A 117 -5.91 -6.16 -23.84
C PRO A 117 -7.02 -6.41 -22.83
N THR A 118 -8.26 -6.06 -23.18
CA THR A 118 -9.38 -6.25 -22.27
C THR A 118 -10.69 -6.35 -23.03
N ILE A 119 -11.61 -7.16 -22.52
CA ILE A 119 -12.91 -7.36 -23.18
C ILE A 119 -14.10 -7.24 -22.23
N TYR A 120 -15.26 -7.01 -22.83
CA TYR A 120 -16.51 -6.88 -22.10
C TYR A 120 -17.55 -7.70 -22.85
N VAL A 121 -18.08 -8.73 -22.19
CA VAL A 121 -19.08 -9.58 -22.81
C VAL A 121 -20.32 -9.52 -21.94
N LYS A 122 -21.48 -9.39 -22.55
CA LYS A 122 -22.73 -9.34 -21.80
C LYS A 122 -23.88 -10.05 -22.50
N GLY A 123 -24.55 -10.91 -21.74
CA GLY A 123 -25.68 -11.66 -22.25
C GLY A 123 -26.61 -12.00 -21.10
N LYS A 124 -27.58 -12.87 -21.35
CA LYS A 124 -28.48 -13.25 -20.28
C LYS A 124 -27.74 -14.08 -19.25
N THR A 125 -26.93 -15.03 -19.71
CA THR A 125 -26.18 -15.87 -18.78
C THR A 125 -24.67 -15.84 -19.04
N VAL A 126 -24.27 -15.49 -20.25
CA VAL A 126 -22.86 -15.41 -20.60
C VAL A 126 -22.33 -13.99 -20.36
N ASN A 127 -21.47 -13.85 -19.36
CA ASN A 127 -20.92 -12.54 -19.01
C ASN A 127 -19.45 -12.61 -18.62
N SER A 128 -18.69 -11.60 -19.04
CA SER A 128 -17.27 -11.55 -18.72
C SER A 128 -17.07 -11.31 -17.22
N ASP A 129 -16.25 -12.18 -16.61
CA ASP A 129 -15.93 -12.07 -15.19
C ASP A 129 -14.73 -12.96 -14.88
N SER A 130 -14.35 -13.03 -13.61
CA SER A 130 -13.20 -13.83 -13.21
C SER A 130 -13.31 -15.34 -13.45
N SER A 131 -14.49 -15.80 -13.88
CA SER A 131 -14.64 -17.24 -14.15
C SER A 131 -14.08 -17.57 -15.52
N TRP A 132 -13.72 -16.53 -16.27
CA TRP A 132 -13.14 -16.70 -17.60
C TRP A 132 -11.66 -17.03 -17.47
N ARG A 133 -11.14 -17.77 -18.44
CA ARG A 133 -9.74 -18.15 -18.45
C ARG A 133 -8.95 -17.35 -19.48
N VAL A 134 -7.71 -17.02 -19.13
CA VAL A 134 -6.86 -16.28 -20.04
C VAL A 134 -5.49 -16.93 -20.15
N THR A 135 -4.86 -16.79 -21.30
CA THR A 135 -3.52 -17.33 -21.52
C THR A 135 -2.84 -16.45 -22.54
N TYR A 136 -1.52 -16.40 -22.50
CA TYR A 136 -0.80 -15.59 -23.48
C TYR A 136 -0.05 -16.51 -24.44
N GLU A 137 -0.43 -17.79 -24.45
CA GLU A 137 0.20 -18.79 -25.31
C GLU A 137 -0.67 -20.05 -25.40
N ASP A 138 -1.68 -20.02 -26.27
CA ASP A 138 -2.57 -21.17 -26.43
C ASP A 138 -1.94 -22.35 -27.15
N LYS A 139 -0.94 -22.08 -27.98
CA LYS A 139 -0.21 -23.11 -28.72
C LYS A 139 -1.03 -24.01 -29.66
N GLU A 140 -2.19 -23.53 -30.12
CA GLU A 140 -2.99 -24.35 -31.01
C GLU A 140 -2.58 -24.22 -32.46
N TRP A 141 -2.19 -25.34 -33.07
CA TRP A 141 -1.79 -25.37 -34.47
C TRP A 141 -2.49 -26.52 -35.21
N ILE A 142 -2.58 -26.40 -36.53
CA ILE A 142 -3.22 -27.39 -37.37
C ILE A 142 -2.20 -28.18 -38.19
N ASP A 143 -2.28 -29.51 -38.19
CA ASP A 143 -1.33 -30.27 -38.99
C ASP A 143 -1.80 -30.26 -40.45
N GLU A 144 -1.03 -30.82 -41.36
CA GLU A 144 -1.39 -30.74 -42.76
C GLU A 144 -2.68 -31.46 -43.18
N SER A 145 -3.27 -32.26 -42.29
CA SER A 145 -4.52 -32.95 -42.62
C SER A 145 -5.70 -32.10 -42.16
N GLY A 146 -5.44 -31.17 -41.27
CA GLY A 146 -6.49 -30.30 -40.77
C GLY A 146 -6.86 -30.57 -39.32
N LYS A 147 -6.10 -31.45 -38.67
CA LYS A 147 -6.35 -31.82 -37.29
C LYS A 147 -5.72 -30.82 -36.32
N ALA A 148 -6.48 -30.37 -35.33
CA ALA A 148 -5.98 -29.40 -34.36
C ALA A 148 -5.07 -30.06 -33.32
N SER A 149 -4.08 -29.31 -32.85
CA SER A 149 -3.13 -29.85 -31.89
C SER A 149 -3.75 -30.06 -30.52
N ASP A 150 -3.06 -30.85 -29.70
CA ASP A 150 -3.50 -31.14 -28.34
C ASP A 150 -3.01 -30.03 -27.42
N THR A 151 -3.92 -29.19 -26.97
CA THR A 151 -3.55 -28.07 -26.11
C THR A 151 -3.97 -28.28 -24.66
N SER A 152 -4.14 -29.54 -24.26
CA SER A 152 -4.55 -29.86 -22.89
C SER A 152 -3.44 -29.48 -21.90
N ALA A 153 -2.25 -29.24 -22.42
CA ALA A 153 -1.11 -28.85 -21.59
C ALA A 153 -1.05 -27.34 -21.37
N THR A 154 -1.85 -26.59 -22.12
CA THR A 154 -1.87 -25.13 -21.99
C THR A 154 -2.22 -24.65 -20.58
N ILE A 155 -1.47 -23.67 -20.10
CA ILE A 155 -1.71 -23.12 -18.77
C ILE A 155 -2.67 -21.94 -18.87
N TYR A 156 -3.67 -21.92 -17.99
CA TYR A 156 -4.64 -20.85 -17.97
C TYR A 156 -4.67 -20.18 -16.61
N ASP A 158 -7.29 -17.42 -14.15
CA ASP A 158 -8.62 -16.87 -14.05
C ASP A 158 -8.44 -15.39 -14.40
N ALA A 159 -9.37 -14.86 -15.19
CA ALA A 159 -9.32 -13.46 -15.60
C ALA A 159 -9.39 -12.50 -14.43
N GLY A 160 -8.68 -11.38 -14.56
CA GLY A 160 -8.68 -10.37 -13.53
C GLY A 160 -9.74 -9.35 -13.85
N CYS A 161 -10.12 -8.55 -12.87
CA CYS A 161 -11.15 -7.54 -13.06
C CYS A 161 -11.17 -6.59 -11.85
N TRP A 162 -11.94 -5.51 -11.97
CA TRP A 162 -12.07 -4.56 -10.88
C TRP A 162 -13.57 -4.27 -10.78
N ASN A 163 -13.97 -3.01 -11.00
CA ASN A 163 -15.39 -2.65 -10.91
C ASN A 163 -15.94 -1.91 -12.14
N PHE A 164 -15.32 -2.14 -13.30
CA PHE A 164 -15.75 -1.52 -14.56
C PHE A 164 -16.90 -2.35 -15.11
N ASP A 165 -18.09 -2.13 -14.56
CA ASP A 165 -19.25 -2.90 -14.97
C ASP A 165 -20.08 -2.33 -16.12
N GLY A 166 -19.72 -1.15 -16.61
CA GLY A 166 -20.47 -0.55 -17.70
C GLY A 166 -19.77 -0.70 -19.04
N ALA A 167 -20.54 -0.93 -20.09
CA ALA A 167 -19.97 -1.10 -21.42
C ALA A 167 -19.09 0.08 -21.85
N THR A 168 -19.35 1.26 -21.30
CA THR A 168 -18.57 2.44 -21.66
C THR A 168 -17.43 2.72 -20.69
N GLN A 169 -17.39 2.00 -19.59
CA GLN A 169 -16.33 2.19 -18.61
C GLN A 169 -15.02 1.53 -19.01
N ARG A 170 -14.43 2.02 -20.10
CA ARG A 170 -13.18 1.48 -20.61
C ARG A 170 -12.09 1.55 -19.55
N PRO A 171 -11.51 0.38 -19.18
CA PRO A 171 -10.46 0.30 -18.16
C PRO A 171 -9.31 1.29 -18.32
N SER A 172 -8.91 1.56 -19.56
CA SER A 172 -7.80 2.47 -19.79
C SER A 172 -8.09 3.94 -19.53
N GLN A 173 -9.36 4.29 -19.35
CA GLN A 173 -9.74 5.67 -19.13
C GLN A 173 -9.95 5.99 -17.66
N PHE A 174 -9.70 5.02 -16.79
CA PHE A 174 -9.88 5.22 -15.36
C PHE A 174 -9.11 6.43 -14.82
N SER A 175 -9.77 7.18 -13.95
CA SER A 175 -9.18 8.35 -13.33
C SER A 175 -9.85 8.55 -11.99
N LEU A 176 -9.17 9.21 -11.05
CA LEU A 176 -9.73 9.41 -9.73
C LEU A 176 -10.76 10.55 -9.70
N ARG A 178 -12.75 13.99 -8.60
CA ARG A 178 -12.33 15.36 -8.37
C ARG A 178 -13.41 16.12 -7.61
N GLU A 179 -12.99 17.10 -6.84
CA GLU A 179 -13.89 17.90 -6.01
C GLU A 179 -13.30 19.29 -5.90
N PRO A 180 -14.08 20.33 -6.25
CA PRO A 180 -13.63 21.72 -6.19
C PRO A 180 -13.23 22.19 -4.78
N GLN A 181 -12.18 23.01 -4.72
CA GLN A 181 -11.70 23.55 -3.45
C GLN A 181 -11.12 24.94 -3.69
N GLN A 182 -11.29 25.82 -2.71
CA GLN A 182 -10.79 27.18 -2.80
C GLN A 182 -9.71 27.36 -1.74
N PRO A 183 -8.72 28.22 -2.01
CA PRO A 183 -7.66 28.42 -1.01
C PRO A 183 -8.27 29.19 0.15
N VAL A 184 -7.61 29.19 1.31
CA VAL A 184 -8.16 29.91 2.45
C VAL A 184 -7.42 31.21 2.69
N ALA A 185 -6.48 31.53 1.80
CA ALA A 185 -5.71 32.75 1.95
C ALA A 185 -4.79 33.01 0.77
N LYS A 186 -4.62 34.27 0.41
CA LYS A 186 -3.73 34.62 -0.68
C LYS A 186 -3.01 35.91 -0.27
N THR A 187 -1.71 35.97 -0.53
CA THR A 187 -0.93 37.13 -0.15
C THR A 187 0.03 37.55 -1.26
N GLU A 188 -0.04 38.82 -1.65
CA GLU A 188 0.84 39.34 -2.69
C GLU A 188 2.23 39.33 -2.09
N GLN A 189 3.23 38.98 -2.90
CA GLN A 189 4.59 38.91 -2.42
C GLN A 189 5.43 40.09 -2.87
N PRO A 190 6.37 40.53 -2.02
CA PRO A 190 7.19 41.67 -2.42
C PRO A 190 7.92 41.50 -3.74
N GLU A 191 8.44 40.30 -4.01
CA GLU A 191 9.16 40.07 -5.25
C GLU A 191 8.24 39.74 -6.43
N GLY A 192 6.97 40.04 -6.26
CA GLY A 192 5.98 39.78 -7.29
C GLY A 192 5.17 38.53 -7.06
N GLY A 193 4.01 38.46 -7.71
CA GLY A 193 3.14 37.30 -7.60
C GLY A 193 2.33 37.17 -6.33
N ILE A 194 1.52 36.10 -6.28
CA ILE A 194 0.67 35.81 -5.13
C ILE A 194 0.94 34.42 -4.57
N LEU A 195 1.01 34.33 -3.24
CA LEU A 195 1.25 33.07 -2.56
C LEU A 195 -0.08 32.59 -2.00
N TYR A 196 -0.58 31.47 -2.52
CA TYR A 196 -1.84 30.91 -2.06
C TYR A 196 -1.67 29.81 -0.99
N ASP A 197 -2.44 29.93 0.09
CA ASP A 197 -2.40 28.93 1.16
C ASP A 197 -3.72 28.19 1.08
N PHE A 198 -3.65 26.87 0.92
CA PHE A 198 -4.88 26.09 0.83
C PHE A 198 -5.35 25.55 2.18
N GLY A 199 -4.67 25.97 3.23
CA GLY A 199 -5.06 25.55 4.56
C GLY A 199 -4.32 24.36 5.12
N LYS A 200 -4.13 23.34 4.32
CA LYS A 200 -3.44 22.14 4.76
C LYS A 200 -2.87 21.41 3.57
N GLU A 201 -2.08 20.37 3.83
CA GLU A 201 -1.49 19.56 2.79
C GLU A 201 -2.66 19.03 1.95
N THR A 202 -2.54 19.14 0.63
CA THR A 202 -3.61 18.64 -0.21
C THR A 202 -3.00 18.15 -1.52
N PHE A 203 -3.83 17.67 -2.44
CA PHE A 203 -3.34 17.12 -3.71
C PHE A 203 -4.37 17.33 -4.82
N GLY A 204 -3.93 17.81 -5.97
CA GLY A 204 -4.87 18.02 -7.06
C GLY A 204 -4.35 18.78 -8.26
N PHE A 205 -5.27 19.42 -8.97
CA PHE A 205 -4.96 20.18 -10.17
C PHE A 205 -5.33 21.64 -9.96
N ILE A 206 -4.46 22.55 -10.36
CA ILE A 206 -4.73 23.97 -10.21
C ILE A 206 -5.66 24.44 -11.31
N THR A 207 -6.65 25.25 -10.93
CA THR A 207 -7.61 25.79 -11.90
C THR A 207 -7.48 27.32 -11.92
N LEU A 208 -7.33 27.87 -13.13
CA LEU A 208 -7.19 29.31 -13.32
C LEU A 208 -8.41 29.81 -14.09
N LYS A 209 -9.32 30.50 -13.39
CA LYS A 209 -10.52 31.02 -14.01
C LYS A 209 -10.38 32.45 -14.55
N ASN A 210 -10.94 32.66 -15.74
CA ASN A 210 -10.93 33.96 -16.40
C ASN A 210 -9.55 34.52 -16.71
N LEU A 211 -8.89 33.90 -17.67
CA LEU A 211 -7.56 34.31 -18.10
C LEU A 211 -7.74 35.29 -19.27
N SER A 212 -6.91 36.33 -19.28
CA SER A 212 -6.94 37.34 -20.34
C SER A 212 -5.55 37.89 -20.55
N GLY A 213 -5.24 38.26 -21.79
CA GLY A 213 -3.93 38.79 -22.07
C GLY A 213 -3.06 37.71 -22.66
N LYS A 214 -1.74 37.88 -22.52
CA LYS A 214 -0.79 36.91 -23.04
C LYS A 214 0.51 36.99 -22.24
N GLY A 215 1.31 35.93 -22.35
CA GLY A 215 2.58 35.90 -21.63
C GLY A 215 2.71 34.69 -20.71
N LYS A 216 3.89 34.54 -20.13
CA LYS A 216 4.18 33.42 -19.24
C LYS A 216 3.46 33.50 -17.90
N ILE A 217 3.24 32.33 -17.32
CA ILE A 217 2.62 32.17 -16.01
C ILE A 217 3.40 31.04 -15.34
N ASP A 218 3.97 31.29 -14.18
CA ASP A 218 4.75 30.28 -13.47
C ASP A 218 4.17 29.85 -12.14
N LEU A 219 4.10 28.53 -11.93
CA LEU A 219 3.58 27.97 -10.69
C LEU A 219 4.74 27.32 -9.92
N TYR A 220 4.76 27.53 -8.61
CA TYR A 220 5.79 26.97 -7.73
C TYR A 220 5.06 26.37 -6.54
N TYR A 221 5.16 25.04 -6.38
CA TYR A 221 4.46 24.35 -5.30
C TYR A 221 5.32 24.10 -4.07
N GLY A 222 4.66 23.95 -2.92
CA GLY A 222 5.38 23.68 -1.69
C GLY A 222 4.50 23.14 -0.57
N GLU A 223 5.10 22.36 0.32
CA GLU A 223 4.38 21.78 1.45
C GLU A 223 4.63 22.71 2.62
N SER A 224 5.45 23.72 2.35
CA SER A 224 5.81 24.74 3.32
C SER A 224 5.88 26.05 2.54
N PRO A 225 5.63 27.18 3.21
CA PRO A 225 5.71 28.44 2.45
C PRO A 225 7.13 28.68 1.94
N GLU A 226 8.12 28.19 2.68
CA GLU A 226 9.51 28.35 2.28
C GLU A 226 9.81 27.67 0.96
N GLU A 227 9.25 26.48 0.76
CA GLU A 227 9.48 25.76 -0.48
C GLU A 227 8.79 26.45 -1.66
N ALA A 228 7.53 26.81 -1.46
CA ALA A 228 6.76 27.47 -2.51
C ALA A 228 7.40 28.78 -2.96
N LYS A 229 7.95 29.55 -2.01
CA LYS A 229 8.57 30.83 -2.36
C LYS A 229 9.95 30.68 -2.98
N ASP A 230 10.58 29.54 -2.76
CA ASP A 230 11.91 29.29 -3.29
C ASP A 230 11.83 28.78 -4.73
N LYS A 231 11.77 29.71 -5.68
CA LYS A 231 11.68 29.37 -7.09
C LYS A 231 12.84 28.53 -7.63
N ALA A 232 14.00 28.65 -7.00
CA ALA A 232 15.16 27.92 -7.49
C ALA A 232 15.36 26.50 -6.94
N TYR A 233 14.81 26.22 -5.77
CA TYR A 233 14.96 24.90 -5.16
C TYR A 233 13.70 24.10 -4.83
N CYS A 234 12.52 24.66 -5.08
CA CYS A 234 11.28 23.92 -4.79
C CYS A 234 11.29 22.65 -5.63
N GLU A 235 10.80 21.56 -5.06
CA GLU A 235 10.79 20.26 -5.74
C GLU A 235 9.96 20.19 -7.03
N THR A 236 8.79 20.81 -7.03
CA THR A 236 7.91 20.78 -8.20
C THR A 236 7.41 22.17 -8.62
N LEU A 237 7.07 22.29 -9.90
CA LEU A 237 6.60 23.54 -10.49
C LEU A 237 5.97 23.32 -11.89
N ASP A 238 5.47 24.41 -12.47
CA ASP A 238 4.87 24.37 -13.80
C ASP A 238 5.12 25.71 -14.50
N LYS A 239 5.11 25.69 -15.83
CA LYS A 239 5.34 26.90 -16.59
C LYS A 239 4.37 26.92 -17.77
N LEU A 240 3.52 27.94 -17.80
CA LEU A 240 2.52 28.06 -18.85
C LEU A 240 2.69 29.30 -19.71
N LEU A 241 2.16 29.24 -20.93
CA LEU A 241 2.21 30.36 -21.86
C LEU A 241 0.80 30.72 -22.30
N LEU A 242 0.28 31.82 -21.77
CA LEU A 242 -1.06 32.29 -22.12
C LEU A 242 -1.00 33.04 -23.45
N GLU A 243 -1.91 32.69 -24.35
CA GLU A 243 -2.00 33.30 -25.66
C GLU A 243 -3.48 33.56 -25.95
N PRO A 244 -3.77 34.46 -26.90
CA PRO A 244 -5.18 34.72 -27.20
C PRO A 244 -5.90 33.46 -27.68
N GLY A 245 -6.93 33.06 -26.95
CA GLY A 245 -7.67 31.88 -27.33
C GLY A 245 -7.09 30.55 -26.90
N GLN A 246 -5.89 30.55 -26.30
CA GLN A 246 -5.27 29.30 -25.86
C GLN A 246 -4.15 29.48 -24.85
N ILE A 247 -3.85 28.39 -24.14
CA ILE A 247 -2.77 28.40 -23.15
C ILE A 247 -1.98 27.10 -23.36
N THR A 248 -0.71 27.13 -23.02
CA THR A 248 0.13 25.95 -23.22
C THR A 248 0.98 25.56 -22.01
N ASP A 249 0.97 24.27 -21.69
CA ASP A 249 1.78 23.76 -20.60
C ASP A 249 3.15 23.55 -21.24
N LEU A 250 4.13 24.37 -20.88
CA LEU A 250 5.45 24.29 -21.47
C LEU A 250 6.24 23.03 -21.14
N ALA A 251 6.04 22.48 -19.95
CA ALA A 251 6.76 21.27 -19.54
C ALA A 251 6.43 20.08 -20.44
N ILE A 252 5.15 19.91 -20.78
CA ILE A 252 4.71 18.80 -21.59
C ILE A 252 4.32 19.22 -23.00
N ARG A 253 4.42 20.52 -23.26
CA ARG A 253 4.10 21.05 -24.58
C ARG A 253 2.71 20.64 -25.08
N SER A 254 1.71 20.94 -24.28
CA SER A 254 0.32 20.62 -24.61
C SER A 254 -0.52 21.89 -24.62
N THR A 255 -0.99 22.28 -25.79
CA THR A 255 -1.80 23.48 -25.92
C THR A 255 -3.29 23.18 -25.85
N SER A 256 -3.98 23.88 -24.95
CA SER A 256 -5.42 23.71 -24.78
C SER A 256 -6.15 24.98 -25.22
N PRO A 257 -7.37 24.84 -25.74
CA PRO A 257 -8.16 26.01 -26.19
C PRO A 257 -8.84 26.79 -25.08
N LEU A 258 -8.98 28.10 -25.28
CA LEU A 258 -9.62 28.98 -24.32
C LEU A 258 -10.71 29.81 -24.96
N HIS A 259 -11.81 30.00 -24.23
CA HIS A 259 -12.92 30.80 -24.73
C HIS A 259 -12.59 32.25 -24.45
N HIS A 260 -12.86 33.13 -25.41
CA HIS A 260 -12.59 34.55 -25.24
C HIS A 260 -13.43 35.16 -24.12
N SER A 261 -14.64 34.65 -23.92
CA SER A 261 -15.53 35.13 -22.88
C SER A 261 -15.06 34.64 -21.50
N ASP A 262 -15.87 33.82 -20.87
CA ASP A 262 -15.54 33.27 -19.56
C ASP A 262 -14.84 31.95 -19.73
N ASN A 263 -13.52 31.95 -19.57
CA ASN A 263 -12.74 30.74 -19.72
C ASN A 263 -12.29 30.18 -18.38
N GLU A 264 -11.70 28.99 -18.43
CA GLU A 264 -11.23 28.30 -17.26
C GLU A 264 -10.24 27.25 -17.73
N TYR A 265 -9.08 27.18 -17.09
CA TYR A 265 -8.06 26.21 -17.44
C TYR A 265 -7.58 25.46 -16.21
N THR A 266 -7.72 24.14 -16.23
CA THR A 266 -7.26 23.31 -15.13
C THR A 266 -6.01 22.58 -15.62
N LEU A 267 -4.92 22.70 -14.89
CA LEU A 267 -3.67 22.04 -15.27
C LEU A 267 -3.89 20.55 -15.52
N GLU A 268 -3.17 20.01 -16.48
CA GLU A 268 -3.32 18.60 -16.85
C GLU A 268 -2.74 17.59 -15.87
N ASN A 269 -1.72 18.00 -15.13
CA ASN A 269 -1.07 17.12 -14.18
C ASN A 269 -1.28 17.50 -12.72
N SER A 270 -1.47 16.49 -11.87
CA SER A 270 -1.71 16.70 -10.46
C SER A 270 -0.42 17.00 -9.70
N LYS A 271 -0.55 17.71 -8.58
CA LYS A 271 0.59 18.08 -7.77
C LYS A 271 0.20 18.08 -6.31
N ALA A 272 1.15 17.74 -5.43
CA ALA A 272 0.91 17.75 -4.00
C ALA A 272 1.36 19.12 -3.53
N PHE A 273 0.67 19.68 -2.55
CA PHE A 273 1.03 21.01 -2.05
C PHE A 273 0.04 21.53 -1.01
N ARG A 274 0.49 22.55 -0.28
CA ARG A 274 -0.38 23.24 0.66
C ARG A 274 -0.36 24.68 0.18
N TYR A 275 0.83 25.11 -0.24
CA TYR A 275 1.07 26.46 -0.73
C TYR A 275 1.44 26.46 -2.21
N VAL A 276 0.94 27.47 -2.94
CA VAL A 276 1.25 27.60 -4.35
C VAL A 276 1.56 29.07 -4.60
N TYR A 277 2.76 29.33 -5.09
CA TYR A 277 3.23 30.67 -5.39
C TYR A 277 3.12 30.85 -6.89
N ILE A 278 2.32 31.83 -7.30
CA ILE A 278 2.11 32.09 -8.72
C ILE A 278 2.55 33.48 -9.13
N THR A 279 3.24 33.56 -10.27
CA THR A 279 3.70 34.80 -10.84
C THR A 279 3.29 34.78 -12.31
N HIS A 280 3.46 35.91 -12.99
CA HIS A 280 3.11 36.00 -14.41
C HIS A 280 3.64 37.29 -15.00
N GLU A 281 3.79 37.32 -16.31
CA GLU A 281 4.29 38.51 -16.98
C GLU A 281 3.28 39.67 -16.91
N PRO A 282 3.75 40.89 -17.19
CA PRO A 282 2.92 42.10 -17.16
C PRO A 282 1.55 42.03 -17.84
N GLU A 283 1.52 41.51 -19.07
CA GLU A 283 0.28 41.45 -19.83
C GLU A 283 -0.67 40.30 -19.54
N VAL A 284 -0.40 39.55 -18.47
CA VAL A 284 -1.26 38.43 -18.09
C VAL A 284 -2.19 38.89 -16.97
N GLN A 285 -3.40 38.35 -16.96
CA GLN A 285 -4.39 38.69 -15.93
C GLN A 285 -5.14 37.42 -15.54
N ILE A 286 -5.03 37.04 -14.27
CA ILE A 286 -5.69 35.85 -13.78
C ILE A 286 -6.86 36.17 -12.87
N GLY A 287 -8.06 35.81 -13.32
CA GLY A 287 -9.25 36.06 -12.55
C GLY A 287 -9.31 35.41 -11.18
N GLU A 288 -9.39 34.08 -11.15
CA GLU A 288 -9.46 33.37 -9.88
C GLU A 288 -8.61 32.10 -9.86
N VAL A 289 -8.07 31.76 -8.69
CA VAL A 289 -7.24 30.58 -8.52
C VAL A 289 -7.84 29.62 -7.48
N SER A 290 -8.10 28.40 -7.91
CA SER A 290 -8.66 27.39 -7.04
C SER A 290 -8.04 26.06 -7.45
N GLN A 292 -8.79 21.44 -7.97
CA GLN A 292 -9.66 20.27 -8.05
C GLN A 292 -8.97 19.20 -7.18
N TYR A 293 -9.51 18.95 -6.00
CA TYR A 293 -8.94 17.95 -5.10
C TYR A 293 -9.20 16.57 -5.70
N GLU A 294 -8.14 15.79 -5.91
CA GLU A 294 -8.29 14.46 -6.49
C GLU A 294 -8.18 13.40 -5.41
N TYR A 295 -9.06 12.42 -5.47
CA TYR A 295 -9.06 11.38 -4.46
C TYR A 295 -9.75 10.12 -4.92
N LEU A 296 -9.43 9.03 -4.23
CA LEU A 296 -10.02 7.75 -4.52
C LEU A 296 -11.14 7.62 -3.50
N PRO A 297 -12.37 7.40 -3.97
CA PRO A 297 -13.52 7.26 -3.07
C PRO A 297 -13.20 6.20 -2.01
N GLU A 298 -13.37 6.56 -0.74
CA GLU A 298 -13.09 5.63 0.35
C GLU A 298 -14.09 5.78 1.49
N GLU A 299 -14.38 4.66 2.14
CA GLU A 299 -15.29 4.66 3.27
C GLU A 299 -14.41 4.51 4.50
N TYR A 300 -14.47 5.47 5.40
CA TYR A 300 -13.69 5.40 6.62
C TYR A 300 -14.35 4.39 7.55
N ARG A 301 -14.10 3.11 7.28
CA ARG A 301 -14.66 2.01 8.05
C ARG A 301 -14.05 1.87 9.43
N GLY A 302 -12.79 2.28 9.56
CA GLY A 302 -12.15 2.19 10.86
C GLY A 302 -12.31 3.53 11.57
N ASN A 303 -12.20 3.53 12.89
CA ASN A 303 -12.37 4.75 13.65
C ASN A 303 -11.80 4.64 15.04
N PHE A 304 -11.32 5.75 15.57
CA PHE A 304 -10.76 5.77 16.92
C PHE A 304 -10.80 7.15 17.58
N ARG A 305 -11.03 7.17 18.88
CA ARG A 305 -11.05 8.42 19.65
C ARG A 305 -11.03 8.10 21.14
N CYS A 306 -10.35 8.93 21.91
CA CYS A 306 -10.22 8.74 23.35
C CYS A 306 -10.37 10.08 24.04
N ASN A 307 -9.99 10.14 25.31
CA ASN A 307 -10.08 11.37 26.07
C ASN A 307 -8.97 12.34 25.67
N ASP A 308 -7.80 11.78 25.33
CA ASP A 308 -6.64 12.57 24.92
C ASP A 308 -6.90 13.16 23.53
N GLU A 309 -7.22 14.45 23.49
CA GLU A 309 -7.53 15.12 22.23
C GLU A 309 -6.33 15.25 21.29
N GLU A 310 -5.12 15.16 21.85
CA GLU A 310 -3.93 15.24 21.02
C GLU A 310 -3.82 13.97 20.17
N LEU A 311 -4.06 12.82 20.81
CA LEU A 311 -3.99 11.54 20.13
C LEU A 311 -5.09 11.50 19.08
N ASN A 312 -6.24 12.07 19.42
CA ASN A 312 -7.38 12.12 18.51
C ASN A 312 -7.00 12.87 17.24
N CYS A 313 -6.24 13.95 17.40
CA CYS A 313 -5.81 14.74 16.26
C CYS A 313 -4.73 13.98 15.49
N ILE A 314 -3.90 13.23 16.23
CA ILE A 314 -2.85 12.45 15.60
C ILE A 314 -3.51 11.40 14.71
N TRP A 315 -4.55 10.74 15.22
CA TRP A 315 -5.26 9.72 14.45
C TRP A 315 -5.88 10.33 13.21
N GLU A 316 -6.51 11.50 13.36
CA GLU A 316 -7.16 12.16 12.24
C GLU A 316 -6.16 12.57 11.17
N VAL A 317 -5.06 13.16 11.59
CA VAL A 317 -4.03 13.57 10.65
C VAL A 317 -3.44 12.33 9.99
N GLY A 318 -3.36 11.24 10.75
CA GLY A 318 -2.82 10.00 10.21
C GLY A 318 -3.73 9.46 9.13
N ALA A 319 -5.03 9.51 9.40
CA ALA A 319 -6.02 9.02 8.46
C ALA A 319 -5.99 9.83 7.16
N TYR A 320 -5.82 11.15 7.29
CA TYR A 320 -5.78 12.03 6.14
C TYR A 320 -4.51 11.77 5.31
N THR A 321 -3.41 11.47 6.00
CA THR A 321 -2.15 11.19 5.34
C THR A 321 -2.31 9.89 4.55
N HIS A 323 -5.10 8.67 3.37
CA HIS A 323 -5.99 8.87 2.22
C HIS A 323 -5.29 9.55 1.04
N LEU A 324 -4.48 10.56 1.34
CA LEU A 324 -3.75 11.25 0.28
C LEU A 324 -2.80 10.25 -0.40
N THR A 325 -2.26 9.32 0.37
CA THR A 325 -1.33 8.35 -0.19
C THR A 325 -2.02 7.06 -0.64
N THR A 326 -3.35 7.08 -0.70
CA THR A 326 -4.09 5.93 -1.19
C THR A 326 -4.75 6.42 -2.48
N ARG A 327 -4.03 6.28 -3.59
CA ARG A 327 -4.52 6.73 -4.89
C ARG A 327 -4.84 5.51 -5.74
N GLU A 328 -4.36 5.49 -6.98
CA GLU A 328 -4.60 4.32 -7.82
C GLU A 328 -3.97 3.08 -7.16
N PHE A 329 -2.96 3.33 -6.33
CA PHE A 329 -2.22 2.32 -5.58
C PHE A 329 -1.78 3.02 -4.31
N PHE A 330 -1.23 2.27 -3.36
CA PHE A 330 -0.73 2.87 -2.13
C PHE A 330 0.66 3.35 -2.49
N ILE A 331 0.93 4.64 -2.27
CA ILE A 331 2.22 5.22 -2.60
C ILE A 331 2.99 5.70 -1.39
N ASP A 332 4.26 6.05 -1.60
CA ASP A 332 5.09 6.51 -0.51
C ASP A 332 4.72 7.91 -0.02
N GLY A 333 4.69 8.86 -0.95
CA GLY A 333 4.38 10.23 -0.60
C GLY A 333 3.78 10.93 -1.80
N ILE A 334 3.00 11.98 -1.57
CA ILE A 334 2.38 12.67 -2.69
C ILE A 334 3.23 13.68 -3.41
N LYS A 335 4.14 14.35 -2.72
CA LYS A 335 4.98 15.32 -3.40
C LYS A 335 6.11 14.65 -4.14
N ARG A 336 6.98 14.01 -3.38
CA ARG A 336 8.16 13.41 -3.95
C ARG A 336 8.16 11.90 -4.02
N ASP A 337 8.58 11.46 -5.20
CA ASP A 337 8.64 10.06 -5.59
C ASP A 337 7.25 9.73 -6.06
N ARG A 338 6.28 9.75 -5.15
CA ARG A 338 4.92 9.39 -5.50
C ARG A 338 4.97 8.13 -6.37
N TRP A 339 5.72 7.15 -5.87
CA TRP A 339 5.89 5.86 -6.51
C TRP A 339 5.46 4.79 -5.51
N VAL A 340 5.28 3.57 -6.00
CA VAL A 340 4.89 2.48 -5.13
C VAL A 340 6.17 1.78 -4.66
N TRP A 341 6.40 1.82 -3.35
CA TRP A 341 7.58 1.20 -2.73
C TRP A 341 7.13 0.11 -1.76
N SER A 342 7.82 -1.01 -1.77
CA SER A 342 7.48 -2.16 -0.92
C SER A 342 7.48 -1.92 0.58
N GLY A 343 8.52 -1.27 1.09
CA GLY A 343 8.59 -1.01 2.52
C GLY A 343 7.43 -0.16 3.00
N ASP A 344 7.09 0.84 2.20
CA ASP A 344 6.00 1.74 2.55
C ASP A 344 4.67 1.02 2.41
N ALA A 345 4.50 0.31 1.28
CA ALA A 345 3.29 -0.42 0.99
C ALA A 345 2.83 -1.44 2.03
N ILE A 346 3.74 -2.25 2.55
CA ILE A 346 3.32 -3.24 3.53
C ILE A 346 2.68 -2.55 4.74
N GLN A 347 3.19 -1.39 5.12
CA GLN A 347 2.62 -0.68 6.25
C GLN A 347 1.28 -0.05 5.86
N SER A 348 1.17 0.41 4.60
CA SER A 348 -0.08 0.98 4.13
C SER A 348 -1.18 -0.09 4.21
N TYR A 349 -0.87 -1.31 3.79
CA TYR A 349 -1.86 -2.39 3.82
C TYR A 349 -2.35 -2.55 5.25
N LEU A 350 -1.42 -2.60 6.18
CA LEU A 350 -1.77 -2.75 7.59
C LEU A 350 -2.60 -1.59 8.13
N ASN A 352 -4.32 0.32 6.45
CA ASN A 352 -5.56 0.24 5.67
C ASN A 352 -6.57 -0.73 6.29
N TYR A 353 -6.09 -1.81 6.91
CA TYR A 353 -7.00 -2.78 7.51
C TYR A 353 -7.71 -2.21 8.72
N TYR A 354 -7.20 -1.09 9.23
CA TYR A 354 -7.80 -0.45 10.39
C TYR A 354 -8.43 0.90 10.01
N LEU A 355 -8.61 1.13 8.72
CA LEU A 355 -9.16 2.40 8.25
C LEU A 355 -10.14 2.26 7.08
N PHE A 356 -9.65 1.96 5.89
CA PHE A 356 -10.53 1.80 4.73
C PHE A 356 -10.92 0.35 4.43
N PHE A 357 -9.98 -0.55 4.71
CA PHE A 357 -10.14 -1.98 4.41
C PHE A 357 -10.47 -2.08 2.93
N ASP A 358 -9.64 -1.44 2.12
CA ASP A 358 -9.78 -1.45 0.68
C ASP A 358 -8.91 -2.60 0.13
N SER A 359 -9.48 -3.80 0.13
CA SER A 359 -8.77 -4.99 -0.33
C SER A 359 -8.35 -4.92 -1.79
N GLU A 360 -9.13 -4.24 -2.60
CA GLU A 360 -8.81 -4.11 -4.02
C GLU A 360 -7.51 -3.33 -4.22
N SER A 361 -7.32 -2.26 -3.45
CA SER A 361 -6.11 -1.45 -3.55
C SER A 361 -4.88 -2.25 -3.09
N VAL A 362 -5.06 -3.10 -2.09
CA VAL A 362 -3.97 -3.91 -1.57
C VAL A 362 -3.47 -4.86 -2.66
N LYS A 363 -4.39 -5.53 -3.34
CA LYS A 363 -4.04 -6.46 -4.41
C LYS A 363 -3.40 -5.75 -5.59
N ARG A 364 -3.93 -4.60 -5.98
CA ARG A 364 -3.34 -3.87 -7.10
C ARG A 364 -1.89 -3.50 -6.79
N THR A 365 -1.63 -3.04 -5.57
CA THR A 365 -0.27 -2.64 -5.20
C THR A 365 0.68 -3.82 -5.12
N ILE A 366 0.19 -4.96 -4.64
CA ILE A 366 0.99 -6.17 -4.56
C ILE A 366 1.36 -6.63 -5.98
N TRP A 367 0.39 -6.61 -6.89
CA TRP A 367 0.63 -7.00 -8.29
C TRP A 367 1.71 -6.09 -8.89
N LEU A 368 1.54 -4.79 -8.73
CA LEU A 368 2.47 -3.81 -9.26
C LEU A 368 3.90 -3.95 -8.76
N LEU A 369 4.08 -4.04 -7.44
CA LEU A 369 5.41 -4.17 -6.86
C LEU A 369 6.17 -5.40 -7.38
N ARG A 370 5.46 -6.49 -7.61
CA ARG A 370 6.11 -7.69 -8.08
C ARG A 370 6.60 -7.60 -9.51
N GLY A 371 5.87 -6.86 -10.35
CA GLY A 371 6.26 -6.77 -11.74
C GLY A 371 6.12 -8.12 -12.41
N LYS A 372 6.86 -8.31 -13.49
CA LYS A 372 6.84 -9.53 -14.29
C LYS A 372 8.19 -10.24 -14.27
N ASP A 373 8.23 -11.44 -14.84
CA ASP A 373 9.47 -12.19 -14.96
C ASP A 373 10.08 -11.69 -16.28
N PRO A 374 11.42 -11.79 -16.42
CA PRO A 374 12.36 -12.36 -15.45
C PRO A 374 12.66 -11.37 -14.32
N VAL A 375 13.05 -11.92 -13.18
CA VAL A 375 13.40 -11.10 -12.01
C VAL A 375 14.83 -10.64 -12.24
N THR A 376 15.04 -9.33 -12.23
CA THR A 376 16.38 -8.78 -12.44
C THR A 376 16.96 -8.13 -11.21
N SER A 377 16.17 -8.05 -10.14
CA SER A 377 16.62 -7.46 -8.90
C SER A 377 15.55 -7.57 -7.81
N HIS A 378 15.94 -7.23 -6.59
CA HIS A 378 15.01 -7.23 -5.46
C HIS A 378 13.97 -6.14 -5.70
N SER A 379 12.87 -6.20 -4.95
CA SER A 379 11.81 -5.21 -5.07
C SER A 379 12.38 -3.79 -4.86
N ASN A 380 12.23 -2.92 -5.86
CA ASN A 380 12.74 -1.56 -5.79
C ASN A 380 14.27 -1.62 -5.63
N THR A 381 14.83 -2.78 -5.98
CA THR A 381 16.25 -3.09 -5.85
C THR A 381 16.71 -3.25 -4.41
N ILE A 382 15.79 -3.10 -3.45
CA ILE A 382 16.10 -3.20 -2.04
C ILE A 382 15.90 -4.60 -1.46
N ASP A 384 15.74 -5.89 1.67
CA ASP A 384 14.70 -6.06 2.67
C ASP A 384 13.31 -5.85 2.10
N TYR A 385 13.22 -5.11 0.98
CA TYR A 385 11.92 -4.86 0.38
C TYR A 385 11.35 -6.08 -0.33
N THR A 386 12.23 -6.97 -0.74
CA THR A 386 11.76 -8.21 -1.37
C THR A 386 11.03 -9.03 -0.31
N PHE A 387 11.57 -9.04 0.91
CA PHE A 387 10.98 -9.81 2.00
C PHE A 387 9.63 -9.21 2.47
N TYR A 388 9.53 -7.89 2.52
CA TYR A 388 8.26 -7.25 2.89
C TYR A 388 7.18 -7.68 1.90
N TRP A 389 7.50 -7.66 0.62
CA TRP A 389 6.55 -8.08 -0.40
C TRP A 389 5.98 -9.48 -0.09
N PHE A 390 6.85 -10.43 0.23
CA PHE A 390 6.40 -11.79 0.56
C PHE A 390 5.46 -11.75 1.76
N LEU A 391 5.91 -11.08 2.83
CA LEU A 391 5.13 -10.97 4.06
C LEU A 391 3.79 -10.30 3.85
N SER A 392 3.74 -9.29 2.99
CA SER A 392 2.50 -8.58 2.75
C SER A 392 1.40 -9.46 2.14
N VAL A 393 1.79 -10.49 1.40
CA VAL A 393 0.82 -11.39 0.78
C VAL A 393 0.10 -12.24 1.83
N TYR A 394 0.85 -12.82 2.76
CA TYR A 394 0.20 -13.61 3.79
C TYR A 394 -0.58 -12.70 4.75
N ASP A 395 -0.10 -11.47 4.95
CA ASP A 395 -0.80 -10.52 5.81
C ASP A 395 -2.16 -10.25 5.21
N TYR A 396 -2.19 -10.05 3.90
CA TYR A 396 -3.43 -9.77 3.19
C TYR A 396 -4.38 -10.96 3.29
N TYR A 397 -3.84 -12.17 3.23
CA TYR A 397 -4.67 -13.35 3.33
C TYR A 397 -5.33 -13.47 4.69
N TYR A 399 -6.09 -11.17 6.85
CA TYR A 399 -7.11 -10.14 7.05
C TYR A 399 -8.30 -10.23 6.11
N SER A 400 -8.07 -10.67 4.87
CA SER A 400 -9.14 -10.76 3.88
C SER A 400 -9.68 -12.15 3.58
N GLY A 401 -8.89 -13.18 3.87
CA GLY A 401 -9.33 -14.54 3.59
C GLY A 401 -9.36 -14.84 2.10
N ASP A 402 -8.77 -13.94 1.32
CA ASP A 402 -8.72 -14.08 -0.15
C ASP A 402 -7.71 -15.12 -0.63
N ARG A 403 -8.09 -16.39 -0.57
CA ARG A 403 -7.22 -17.48 -1.00
C ARG A 403 -6.96 -17.45 -2.50
N HIS A 404 -7.98 -17.11 -3.27
CA HIS A 404 -7.89 -17.04 -4.72
C HIS A 404 -6.72 -16.15 -5.17
N PHE A 405 -6.55 -15.01 -4.50
CA PHE A 405 -5.46 -14.11 -4.84
C PHE A 405 -4.09 -14.79 -4.66
N VAL A 406 -3.91 -15.46 -3.53
CA VAL A 406 -2.65 -16.14 -3.28
C VAL A 406 -2.39 -17.17 -4.39
N ASN A 407 -3.41 -17.92 -4.79
CA ASN A 407 -3.27 -18.91 -5.85
C ASN A 407 -2.82 -18.27 -7.17
N GLN A 408 -3.36 -17.11 -7.49
CA GLN A 408 -3.00 -16.41 -8.72
C GLN A 408 -1.60 -15.83 -8.70
N LEU A 409 -1.15 -15.36 -7.55
CA LEU A 409 0.16 -14.74 -7.40
C LEU A 409 1.30 -15.74 -7.20
N TYR A 410 0.96 -16.90 -6.64
CA TYR A 410 1.96 -17.92 -6.32
C TYR A 410 3.08 -18.20 -7.30
N PRO A 411 2.75 -18.39 -8.60
CA PRO A 411 3.85 -18.65 -9.53
C PRO A 411 4.91 -17.55 -9.48
N ARG A 412 4.44 -16.29 -9.44
CA ARG A 412 5.36 -15.16 -9.39
C ARG A 412 6.08 -15.10 -8.07
N GLN A 414 7.04 -17.79 -6.37
CA GLN A 414 8.07 -18.83 -6.50
C GLN A 414 9.31 -18.30 -7.23
N THR A 415 9.10 -17.67 -8.38
CA THR A 415 10.23 -17.17 -9.15
C THR A 415 10.96 -16.03 -8.43
N ASP A 418 13.07 -17.84 -6.07
CA ASP A 418 14.16 -18.51 -6.78
C ASP A 418 15.35 -17.56 -6.87
N TYR A 419 15.03 -16.30 -7.15
CA TYR A 419 16.04 -15.26 -7.26
C TYR A 419 16.80 -15.10 -5.96
N VAL A 420 16.06 -15.01 -4.86
CA VAL A 420 16.68 -14.85 -3.54
C VAL A 420 17.56 -16.05 -3.17
N LEU A 421 16.99 -17.24 -3.30
CA LEU A 421 17.70 -18.47 -2.96
C LEU A 421 18.97 -18.73 -3.77
N GLY A 422 19.08 -18.12 -4.95
CA GLY A 422 20.28 -18.32 -5.72
C GLY A 422 21.34 -17.31 -5.29
N ARG A 423 21.01 -16.51 -4.28
CA ARG A 423 21.92 -15.48 -3.79
C ARG A 423 22.31 -15.59 -2.32
N THR A 424 22.16 -16.77 -1.75
CA THR A 424 22.53 -16.96 -0.36
C THR A 424 24.01 -17.33 -0.29
N ASN A 425 24.62 -17.16 0.88
CA ASN A 425 26.02 -17.46 1.05
C ASN A 425 26.23 -18.85 1.65
N LYS A 426 27.45 -19.11 2.11
CA LYS A 426 27.79 -20.41 2.68
C LYS A 426 26.95 -20.82 3.88
N ASN A 427 26.45 -19.84 4.63
CA ASN A 427 25.61 -20.11 5.81
C ASN A 427 24.14 -20.11 5.45
N GLY A 428 23.83 -19.95 4.16
CA GLY A 428 22.44 -19.92 3.76
C GLY A 428 21.79 -18.60 4.16
N VAL A 430 21.72 -14.12 3.68
CA VAL A 430 21.80 -13.16 2.60
C VAL A 430 22.72 -11.98 2.88
N GLU A 431 23.61 -11.70 1.94
CA GLU A 431 24.55 -10.59 2.06
C GLU A 431 24.34 -9.71 0.84
N GLY A 432 24.43 -8.41 1.01
CA GLY A 432 24.26 -7.53 -0.12
C GLY A 432 25.24 -7.87 -1.23
N SER A 434 26.35 -7.27 -5.59
CA SER A 434 26.47 -6.18 -6.56
C SER A 434 25.11 -5.74 -7.12
N GLY A 435 24.82 -4.45 -6.99
CA GLY A 435 23.56 -3.95 -7.49
C GLY A 435 22.46 -3.90 -6.43
N ASP A 436 22.64 -4.63 -5.34
CA ASP A 436 21.62 -4.63 -4.27
C ASP A 436 21.72 -3.37 -3.41
N TRP A 437 20.58 -2.99 -2.85
CA TRP A 437 20.50 -1.87 -1.93
C TRP A 437 20.01 -2.48 -0.60
N VAL A 438 20.88 -2.50 0.41
CA VAL A 438 20.53 -3.01 1.72
C VAL A 438 20.15 -1.72 2.47
N PHE A 439 18.86 -1.47 2.57
CA PHE A 439 18.31 -0.27 3.17
C PHE A 439 18.17 -0.23 4.68
N VAL A 440 17.27 -1.05 5.19
CA VAL A 440 16.94 -1.13 6.61
C VAL A 440 16.18 0.12 7.06
N ASP A 441 16.85 1.25 7.12
CA ASP A 441 16.23 2.48 7.58
C ASP A 441 17.09 3.71 7.26
N TRP A 442 16.50 4.90 7.42
CA TRP A 442 17.24 6.14 7.20
C TRP A 442 17.79 6.49 8.58
N ALA A 443 18.96 5.94 8.91
CA ALA A 443 19.58 6.15 10.20
C ALA A 443 20.80 7.05 10.14
N ASP A 444 20.74 8.05 9.27
CA ASP A 444 21.80 9.04 9.09
C ASP A 444 23.18 8.53 8.75
N GLY A 445 23.28 7.29 8.28
CA GLY A 445 24.57 6.74 7.91
C GLY A 445 25.32 5.99 8.99
N TYR A 446 24.64 5.71 10.10
CA TYR A 446 25.28 5.00 11.21
C TYR A 446 25.21 3.49 11.09
N LEU A 447 24.42 2.98 10.14
CA LEU A 447 24.27 1.54 9.96
C LEU A 447 25.20 0.87 8.94
N ASP A 448 25.98 -0.11 9.40
CA ASP A 448 26.89 -0.86 8.55
C ASP A 448 26.01 -1.80 7.70
N LYS A 449 26.24 -1.83 6.39
CA LYS A 449 25.44 -2.66 5.48
C LYS A 449 26.17 -3.90 4.95
N LYS A 450 27.41 -4.08 5.37
CA LYS A 450 28.23 -5.22 4.94
C LYS A 450 28.00 -6.46 5.79
N GLY A 451 28.37 -7.61 5.24
CA GLY A 451 28.23 -8.87 5.96
C GLY A 451 26.81 -9.38 6.03
N GLU A 452 26.54 -10.13 7.10
CA GLU A 452 25.22 -10.70 7.35
C GLU A 452 24.52 -9.88 8.42
N LEU A 453 23.56 -9.05 8.02
CA LEU A 453 22.83 -8.26 9.00
C LEU A 453 21.83 -9.18 9.66
N SER A 454 21.75 -9.11 10.98
CA SER A 454 20.82 -9.91 11.77
C SER A 454 19.40 -9.57 11.32
N PHE A 455 19.16 -8.28 11.07
CA PHE A 455 17.84 -7.83 10.63
C PHE A 455 17.38 -8.51 9.33
N GLU A 456 18.27 -8.57 8.34
CA GLU A 456 17.93 -9.19 7.07
C GLU A 456 17.67 -10.71 7.15
N GLN A 457 18.39 -11.42 8.03
CA GLN A 457 18.18 -12.86 8.16
C GLN A 457 16.85 -13.12 8.86
N VAL A 458 16.50 -12.22 9.76
CA VAL A 458 15.24 -12.34 10.46
C VAL A 458 14.12 -12.18 9.43
N LEU A 459 14.22 -11.17 8.57
CA LEU A 459 13.20 -10.95 7.54
C LEU A 459 13.19 -12.08 6.53
N PHE A 460 14.38 -12.52 6.15
CA PHE A 460 14.53 -13.60 5.20
C PHE A 460 13.87 -14.87 5.75
N CYS A 461 14.16 -15.19 7.02
CA CYS A 461 13.61 -16.38 7.65
C CYS A 461 12.09 -16.32 7.65
N ARG A 462 11.55 -15.13 7.91
CA ARG A 462 10.12 -14.94 7.95
C ARG A 462 9.54 -15.12 6.54
N SER A 463 10.31 -14.72 5.53
CA SER A 463 9.90 -14.86 4.14
C SER A 463 9.77 -16.33 3.76
N LEU A 464 10.71 -17.14 4.23
CA LEU A 464 10.71 -18.58 3.96
C LEU A 464 9.52 -19.21 4.67
N GLU A 465 9.21 -18.73 5.87
CA GLU A 465 8.08 -19.27 6.60
C GLU A 465 6.79 -18.86 5.88
N THR A 466 6.79 -17.65 5.34
CA THR A 466 5.63 -17.16 4.61
C THR A 466 5.41 -17.98 3.35
N ALA A 468 6.34 -20.95 2.87
CA ALA A 468 5.92 -22.29 3.24
C ALA A 468 4.42 -22.29 3.52
N LEU A 469 3.94 -21.27 4.23
CA LEU A 469 2.51 -21.15 4.52
C LEU A 469 1.69 -20.90 3.24
N CYS A 470 2.25 -20.20 2.26
CA CYS A 470 1.51 -19.96 1.02
C CYS A 470 1.52 -21.19 0.13
N ALA A 471 2.65 -21.90 0.13
CA ALA A 471 2.79 -23.12 -0.64
C ALA A 471 1.72 -24.11 -0.14
N ASP A 472 1.56 -24.16 1.17
CA ASP A 472 0.57 -25.02 1.81
C ASP A 472 -0.84 -24.62 1.37
N LEU A 473 -1.11 -23.32 1.40
CA LEU A 473 -2.41 -22.81 1.01
C LEU A 473 -2.75 -23.14 -0.45
N VAL A 474 -1.79 -23.04 -1.35
CA VAL A 474 -2.08 -23.35 -2.76
C VAL A 474 -1.95 -24.83 -3.11
N GLY A 475 -1.41 -25.62 -2.19
CA GLY A 475 -1.29 -27.05 -2.44
C GLY A 475 0.01 -27.54 -3.08
N ASP A 476 1.03 -26.69 -3.08
CA ASP A 476 2.33 -27.07 -3.65
C ASP A 476 3.14 -27.69 -2.52
N LYS A 477 3.03 -29.01 -2.37
CA LYS A 477 3.72 -29.71 -1.30
C LYS A 477 5.24 -29.82 -1.48
N ASP A 478 5.71 -30.00 -2.70
CA ASP A 478 7.16 -30.08 -2.93
C ASP A 478 7.77 -28.76 -2.47
N GLY A 479 7.12 -27.67 -2.85
CA GLY A 479 7.60 -26.36 -2.49
C GLY A 479 7.54 -26.16 -0.99
N GLN A 480 6.41 -26.54 -0.41
CA GLN A 480 6.22 -26.38 1.03
C GLN A 480 7.32 -27.04 1.83
N GLN A 481 7.69 -28.26 1.44
CA GLN A 481 8.75 -28.98 2.13
C GLN A 481 10.09 -28.27 2.01
N LYS A 482 10.37 -27.80 0.80
CA LYS A 482 11.60 -27.08 0.50
C LYS A 482 11.74 -25.83 1.37
N TYR A 483 10.67 -25.03 1.42
CA TYR A 483 10.68 -23.80 2.19
C TYR A 483 10.76 -24.06 3.68
N GLU A 484 10.05 -25.09 4.16
CA GLU A 484 10.08 -25.39 5.58
C GLU A 484 11.49 -25.80 6.02
N LYS A 485 12.13 -26.63 5.20
CA LYS A 485 13.48 -27.09 5.50
C LYS A 485 14.43 -25.89 5.56
N LEU A 486 14.37 -25.03 4.54
CA LEU A 486 15.24 -23.85 4.53
C LEU A 486 14.94 -22.88 5.69
N ALA A 487 13.66 -22.69 5.99
CA ALA A 487 13.28 -21.78 7.08
C ALA A 487 13.74 -22.33 8.43
N SER A 488 13.55 -23.62 8.63
CA SER A 488 13.95 -24.24 9.88
C SER A 488 15.46 -24.17 10.12
N ALA A 489 16.24 -24.39 9.06
CA ALA A 489 17.69 -24.35 9.20
C ALA A 489 18.19 -22.94 9.51
N LEU A 490 17.66 -21.94 8.81
CA LEU A 490 18.07 -20.57 9.05
C LEU A 490 17.69 -20.12 10.45
N LYS A 491 16.46 -20.45 10.86
CA LYS A 491 15.96 -20.05 12.18
C LYS A 491 16.85 -20.53 13.30
N ALA A 492 17.26 -21.80 13.22
CA ALA A 492 18.12 -22.39 14.24
C ALA A 492 19.50 -21.73 14.30
N LYS A 493 19.86 -20.98 13.25
CA LYS A 493 21.15 -20.30 13.22
C LYS A 493 21.11 -18.87 13.75
N LEU A 494 19.91 -18.33 13.93
CA LEU A 494 19.78 -16.95 14.39
C LEU A 494 20.47 -16.62 15.71
N GLU A 495 20.15 -17.35 16.76
CA GLU A 495 20.78 -17.09 18.05
C GLU A 495 22.26 -17.47 18.09
N PRO A 496 22.62 -18.67 17.59
CA PRO A 496 24.03 -19.07 17.61
C PRO A 496 24.90 -18.10 16.84
N THR A 497 24.30 -17.37 15.91
CA THR A 497 25.04 -16.42 15.09
C THR A 497 25.02 -14.99 15.59
N PHE A 498 23.84 -14.49 15.90
CA PHE A 498 23.68 -13.10 16.31
C PHE A 498 23.46 -12.77 17.79
N TRP A 499 23.03 -13.74 18.58
CA TRP A 499 22.80 -13.44 19.98
C TRP A 499 24.09 -13.28 20.77
N ASN A 500 24.09 -12.29 21.66
CA ASN A 500 25.24 -12.00 22.49
C ASN A 500 24.78 -12.00 23.94
N ASN A 501 25.33 -12.91 24.74
CA ASN A 501 24.98 -13.04 26.15
C ASN A 501 25.31 -11.79 26.96
N GLN A 502 26.50 -11.24 26.74
CA GLN A 502 26.93 -10.04 27.46
C GLN A 502 26.03 -8.85 27.19
N LYS A 503 25.69 -8.62 25.93
CA LYS A 503 24.82 -7.49 25.58
C LYS A 503 23.33 -7.84 25.68
N GLN A 504 23.03 -9.11 25.91
CA GLN A 504 21.64 -9.57 26.03
C GLN A 504 20.79 -9.09 24.85
N ALA A 505 21.31 -9.24 23.64
CA ALA A 505 20.59 -8.81 22.45
C ALA A 505 21.21 -9.38 21.17
N PHE A 506 20.57 -9.10 20.04
CA PHE A 506 21.08 -9.53 18.75
C PHE A 506 21.97 -8.41 18.27
N VAL A 507 23.21 -8.73 17.95
CA VAL A 507 24.14 -7.72 17.46
C VAL A 507 23.69 -7.27 16.08
N HIS A 508 24.19 -6.12 15.63
CA HIS A 508 23.78 -5.61 14.34
C HIS A 508 24.12 -6.51 13.17
N ASN A 509 25.36 -6.97 13.10
CA ASN A 509 25.74 -7.83 11.99
C ASN A 509 26.99 -8.67 12.24
N CYS A 510 27.23 -9.60 11.32
CA CYS A 510 28.40 -10.45 11.38
C CYS A 510 29.16 -10.30 10.09
N VAL A 511 30.48 -10.21 10.22
CA VAL A 511 31.38 -10.11 9.09
C VAL A 511 32.44 -11.19 9.31
N ASP A 512 32.51 -12.12 8.37
CA ASP A 512 33.46 -13.24 8.45
C ASP A 512 33.23 -14.01 9.74
N GLY A 513 31.96 -14.15 10.12
CA GLY A 513 31.63 -14.88 11.34
C GLY A 513 31.89 -14.10 12.63
N ARG A 514 32.27 -12.83 12.52
CA ARG A 514 32.55 -12.00 13.69
C ARG A 514 31.41 -11.04 14.02
N GLN A 515 30.94 -11.09 15.26
CA GLN A 515 29.86 -10.21 15.68
C GLN A 515 30.35 -8.77 15.82
N SER A 516 29.50 -7.83 15.47
CA SER A 516 29.83 -6.40 15.56
C SER A 516 29.63 -5.96 17.01
N ASP A 517 30.32 -4.90 17.41
CA ASP A 517 30.16 -4.38 18.76
C ASP A 517 28.79 -3.73 18.80
N ALA A 518 28.40 -3.18 17.66
CA ALA A 518 27.14 -2.48 17.54
C ALA A 518 25.89 -3.34 17.69
N VAL A 519 24.91 -2.80 18.40
CA VAL A 519 23.63 -3.44 18.60
C VAL A 519 22.60 -2.41 18.16
N THR A 520 21.81 -2.73 17.15
CA THR A 520 20.76 -1.81 16.71
C THR A 520 19.44 -2.43 17.11
N ARG A 521 18.40 -1.62 17.20
CA ARG A 521 17.13 -2.16 17.63
C ARG A 521 16.31 -3.00 16.63
N TYR A 522 16.62 -2.89 15.34
CA TYR A 522 15.89 -3.59 14.29
C TYR A 522 15.65 -5.12 14.40
N ALA A 523 16.70 -5.92 14.41
CA ALA A 523 16.53 -7.37 14.50
C ALA A 523 15.84 -7.74 15.80
N ASN A 524 16.15 -6.99 16.85
CA ASN A 524 15.57 -7.24 18.15
C ASN A 524 14.08 -6.98 18.22
N PHE A 526 11.91 -6.79 15.76
CA PHE A 526 11.20 -7.72 14.89
C PHE A 526 11.10 -9.13 15.51
N SER A 527 12.16 -9.57 16.16
CA SER A 527 12.14 -10.90 16.77
C SER A 527 11.07 -11.03 17.85
N VAL A 528 10.65 -9.89 18.39
CA VAL A 528 9.60 -9.86 19.40
C VAL A 528 8.24 -10.18 18.79
N PHE A 529 7.80 -9.43 17.78
CA PHE A 529 6.49 -9.72 17.19
C PHE A 529 6.48 -10.84 16.15
N PHE A 530 7.67 -11.37 15.83
CA PHE A 530 7.78 -12.50 14.90
C PHE A 530 7.81 -13.74 15.79
N ASP A 531 8.02 -13.52 17.08
CA ASP A 531 8.10 -14.60 18.07
C ASP A 531 9.28 -15.53 17.83
N TYR A 532 10.44 -14.97 17.54
CA TYR A 532 11.63 -15.77 17.31
C TYR A 532 12.43 -15.93 18.60
N LEU A 533 12.04 -15.20 19.64
CA LEU A 533 12.71 -15.27 20.93
C LEU A 533 11.75 -15.81 21.99
N ASN A 534 12.26 -16.55 22.96
CA ASN A 534 11.41 -17.08 24.02
C ASN A 534 11.07 -15.93 24.98
N ALA A 535 10.11 -16.17 25.87
CA ALA A 535 9.68 -15.15 26.81
C ALA A 535 10.82 -14.45 27.55
N ASP A 536 11.79 -15.22 28.03
CA ASP A 536 12.91 -14.64 28.77
C ASP A 536 13.79 -13.71 27.96
N LYS A 537 14.12 -14.08 26.74
CA LYS A 537 14.96 -13.23 25.92
C LYS A 537 14.19 -12.02 25.42
N GLN A 538 12.88 -12.16 25.24
CA GLN A 538 12.08 -11.03 24.79
C GLN A 538 12.11 -9.95 25.86
N GLN A 539 12.06 -10.36 27.12
CA GLN A 539 12.12 -9.40 28.23
C GLN A 539 13.51 -8.79 28.32
N ALA A 540 14.53 -9.59 28.00
CA ALA A 540 15.91 -9.11 28.03
C ALA A 540 16.05 -7.99 27.00
N ILE A 541 15.52 -8.22 25.81
CA ILE A 541 15.55 -7.24 24.73
C ILE A 541 14.82 -5.95 25.13
N LYS A 542 13.74 -6.11 25.88
CA LYS A 542 12.97 -4.97 26.32
C LYS A 542 13.85 -3.99 27.08
N GLN A 543 14.62 -4.52 28.02
CA GLN A 543 15.51 -3.72 28.85
C GLN A 543 16.83 -3.32 28.18
N SER A 544 17.48 -4.27 27.51
CA SER A 544 18.77 -4.01 26.87
C SER A 544 18.71 -3.33 25.52
N VAL A 545 17.53 -3.30 24.90
CA VAL A 545 17.40 -2.66 23.59
C VAL A 545 16.25 -1.66 23.45
N LEU A 546 15.02 -2.16 23.57
CA LEU A 546 13.84 -1.32 23.41
C LEU A 546 13.74 -0.12 24.36
N LEU A 547 14.12 -0.28 25.62
CA LEU A 547 14.05 0.83 26.58
C LEU A 547 15.43 1.33 26.99
N ASN A 548 16.44 1.03 26.17
CA ASN A 548 17.80 1.45 26.45
C ASN A 548 18.23 2.57 25.53
N ASP A 549 18.25 3.80 26.04
CA ASP A 549 18.62 4.96 25.24
C ASP A 549 20.09 4.97 24.84
N GLU A 550 20.80 3.90 25.18
CA GLU A 550 22.21 3.77 24.84
C GLU A 550 22.29 3.28 23.40
N ILE A 551 21.24 2.57 22.98
CA ILE A 551 21.16 2.01 21.64
C ILE A 551 20.62 3.02 20.62
N LEU A 552 21.35 3.19 19.53
CA LEU A 552 20.97 4.12 18.46
C LEU A 552 19.47 4.27 18.32
N LYS A 553 18.99 5.52 18.34
CA LYS A 553 17.56 5.81 18.22
C LYS A 553 17.08 5.78 16.77
N ILE A 554 15.77 5.75 16.59
CA ILE A 554 15.17 5.74 15.28
C ILE A 554 14.56 7.12 14.99
N THR A 555 14.78 7.62 13.77
CA THR A 555 14.25 8.94 13.40
C THR A 555 13.26 8.97 12.24
N THR A 556 12.63 7.84 11.95
CA THR A 556 11.64 7.80 10.88
C THR A 556 10.38 7.21 11.46
N PRO A 557 9.21 7.72 11.04
CA PRO A 557 7.97 7.16 11.58
C PRO A 557 7.94 5.69 11.18
N TYR A 558 8.51 5.41 10.00
CA TYR A 558 8.61 4.08 9.42
C TYR A 558 9.04 2.97 10.38
N ARG A 560 9.55 3.39 13.67
CA ARG A 560 8.97 3.56 15.00
C ARG A 560 7.69 2.73 15.01
N PHE A 561 7.14 2.52 13.82
CA PHE A 561 5.94 1.70 13.60
C PHE A 561 6.25 0.34 14.27
N TYR A 562 7.37 -0.26 13.86
CA TYR A 562 7.80 -1.57 14.37
C TYR A 562 8.41 -1.53 15.76
N GLU A 563 9.15 -0.47 16.08
CA GLU A 563 9.76 -0.37 17.40
C GLU A 563 8.64 -0.36 18.45
N LEU A 564 7.66 0.52 18.25
CA LEU A 564 6.54 0.66 19.17
C LEU A 564 5.64 -0.57 19.18
N GLU A 565 5.54 -1.24 18.03
CA GLU A 565 4.73 -2.43 17.95
C GLU A 565 5.33 -3.51 18.84
N ALA A 566 6.65 -3.59 18.83
CA ALA A 566 7.34 -4.57 19.65
C ALA A 566 6.99 -4.32 21.11
N LEU A 567 7.08 -3.05 21.52
CA LEU A 567 6.78 -2.65 22.88
C LEU A 567 5.32 -2.97 23.22
N CYS A 568 4.42 -2.77 22.27
CA CYS A 568 3.02 -3.07 22.53
C CYS A 568 2.87 -4.58 22.71
N ALA A 569 3.63 -5.35 21.95
CA ALA A 569 3.54 -6.79 22.04
C ALA A 569 3.98 -7.24 23.43
N LEU A 570 4.89 -6.50 24.03
CA LEU A 570 5.39 -6.81 25.36
C LEU A 570 4.55 -6.10 26.41
N GLY A 571 3.40 -5.59 25.97
CA GLY A 571 2.47 -4.92 26.86
C GLY A 571 2.88 -3.59 27.46
N GLU A 572 3.77 -2.85 26.80
CA GLU A 572 4.21 -1.56 27.31
C GLU A 572 3.42 -0.43 26.64
N GLN A 573 2.10 -0.61 26.54
CA GLN A 573 1.25 0.42 25.91
C GLN A 573 1.35 1.82 26.51
N GLU A 574 1.69 1.91 27.80
CA GLU A 574 1.82 3.22 28.44
C GLU A 574 3.04 3.97 27.96
N THR A 575 4.17 3.27 27.82
CA THR A 575 5.39 3.91 27.33
C THR A 575 5.18 4.34 25.89
N VAL A 576 4.49 3.50 25.14
CA VAL A 576 4.22 3.78 23.74
C VAL A 576 3.36 5.04 23.57
N LYS A 578 3.21 7.53 25.52
CA LYS A 578 4.10 8.62 25.82
C LYS A 578 4.98 8.95 24.61
N GLU A 579 5.35 7.92 23.85
CA GLU A 579 6.19 8.08 22.68
C GLU A 579 5.39 8.62 21.50
N LYS A 581 2.62 10.35 21.54
CA LYS A 581 2.24 11.73 21.82
C LYS A 581 3.42 12.67 21.56
N ALA A 582 4.58 12.32 22.09
CA ALA A 582 5.76 13.16 21.92
C ALA A 582 6.26 13.23 20.49
N TYR A 583 6.33 12.07 19.83
CA TYR A 583 6.83 12.02 18.46
C TYR A 583 5.90 12.60 17.40
N TRP A 584 4.68 12.09 17.34
CA TRP A 584 3.72 12.57 16.35
C TRP A 584 3.14 13.92 16.73
N GLY A 585 2.91 14.12 18.02
CA GLY A 585 2.39 15.39 18.48
C GLY A 585 3.46 16.45 18.26
N GLY A 586 4.70 15.99 18.16
CA GLY A 586 5.81 16.87 17.92
C GLY A 586 5.76 17.43 16.51
N LEU A 588 3.00 17.81 14.81
CA LEU A 588 1.84 18.69 14.77
C LEU A 588 2.25 20.07 15.29
N LYS A 589 2.88 20.10 16.45
CA LYS A 589 3.33 21.36 17.06
C LYS A 589 4.33 22.07 16.17
N ALA A 590 4.76 21.39 15.11
CA ALA A 590 5.72 21.98 14.19
C ALA A 590 5.02 22.47 12.92
N GLY A 591 3.69 22.37 12.91
CA GLY A 591 2.91 22.83 11.77
C GLY A 591 2.46 21.79 10.75
N ALA A 592 2.56 20.51 11.12
CA ALA A 592 2.17 19.45 10.19
C ALA A 592 0.66 19.24 10.09
N THR A 593 0.18 19.09 8.86
CA THR A 593 -1.23 18.83 8.63
C THR A 593 -1.31 17.45 7.94
N SER A 594 -0.15 16.80 7.90
CA SER A 594 0.04 15.45 7.34
C SER A 594 1.39 15.02 7.91
N PHE A 595 1.55 13.74 8.18
CA PHE A 595 2.80 13.25 8.76
C PHE A 595 3.91 13.02 7.74
N TRP A 596 5.14 13.32 8.17
CA TRP A 596 6.31 13.25 7.31
C TRP A 596 7.02 11.92 7.07
N GLU A 597 7.98 12.00 6.17
CA GLU A 597 8.82 10.89 5.74
C GLU A 597 9.88 10.58 6.80
N LYS A 598 10.33 11.63 7.50
CA LYS A 598 11.33 11.49 8.55
C LYS A 598 11.23 12.65 9.53
N TYR A 599 11.55 12.38 10.79
CA TYR A 599 11.46 13.39 11.83
C TYR A 599 12.40 13.18 13.00
N ASN A 600 13.29 14.14 13.20
CA ASN A 600 14.26 14.11 14.29
C ASN A 600 13.91 15.30 15.20
N PRO A 601 13.27 15.03 16.35
CA PRO A 601 12.89 16.09 17.28
C PRO A 601 14.05 16.96 17.80
N GLU A 602 15.27 16.64 17.39
CA GLU A 602 16.44 17.40 17.81
C GLU A 602 16.64 18.58 16.86
N GLU A 603 16.18 18.40 15.63
CA GLU A 603 16.29 19.45 14.62
C GLU A 603 15.23 20.50 14.88
N SER A 604 15.33 21.63 14.17
CA SER A 604 14.37 22.71 14.35
C SER A 604 14.24 23.58 13.10
N GLY A 605 13.11 24.25 12.98
CA GLY A 605 12.89 25.12 11.83
C GLY A 605 13.01 24.45 10.49
N THR A 606 13.63 25.17 9.54
CA THR A 606 13.80 24.68 8.19
C THR A 606 14.56 23.35 8.08
N GLN A 607 15.22 22.93 9.15
CA GLN A 607 15.95 21.66 9.10
C GLN A 607 14.98 20.50 8.85
N HIS A 608 13.74 20.66 9.30
CA HIS A 608 12.73 19.63 9.14
C HIS A 608 12.29 19.44 7.68
N LEU A 609 12.63 20.40 6.84
CA LEU A 609 12.23 20.36 5.44
C LEU A 609 13.23 19.74 4.50
N ALA A 610 14.47 19.63 4.95
CA ALA A 610 15.54 19.09 4.12
C ALA A 610 15.75 17.58 4.18
N TYR A 612 17.85 14.33 1.35
CA TYR A 612 18.48 14.00 0.07
C TYR A 612 19.39 15.13 -0.41
N GLY A 613 19.92 15.90 0.54
CA GLY A 613 20.81 17.01 0.20
C GLY A 613 20.12 18.20 -0.43
N ARG A 614 18.80 18.24 -0.35
CA ARG A 614 18.04 19.35 -0.92
C ARG A 614 17.23 20.03 0.19
N PRO A 615 17.15 21.37 0.16
CA PRO A 615 16.41 22.14 1.18
C PRO A 615 14.96 21.76 1.44
N TYR A 616 14.26 21.27 0.42
CA TYR A 616 12.85 20.88 0.60
C TYR A 616 12.64 19.47 0.06
N GLY A 617 13.67 18.64 0.18
CA GLY A 617 13.61 17.28 -0.33
C GLY A 617 12.73 16.31 0.45
N LYS A 618 12.53 16.58 1.73
CA LYS A 618 11.71 15.71 2.56
C LYS A 618 10.26 15.80 2.16
N SER A 619 9.57 14.66 2.18
CA SER A 619 8.16 14.62 1.85
C SER A 619 7.46 14.90 3.16
N LEU A 620 6.52 15.82 3.16
CA LEU A 620 5.82 16.14 4.40
C LEU A 620 4.49 15.41 4.47
N CYS A 621 4.32 14.45 3.56
CA CYS A 621 3.12 13.63 3.53
C CYS A 621 3.49 12.24 3.04
N HIS A 622 4.01 11.44 3.95
CA HIS A 622 4.44 10.08 3.63
C HIS A 622 3.53 9.07 4.28
N ALA A 623 3.05 8.10 3.51
CA ALA A 623 2.19 7.08 4.05
C ALA A 623 2.75 6.50 5.33
N TRP A 624 4.05 6.22 5.36
CA TRP A 624 4.63 5.62 6.54
C TRP A 624 4.74 6.54 7.75
N GLY A 625 4.17 7.72 7.66
CA GLY A 625 4.21 8.64 8.79
C GLY A 625 2.95 8.48 9.62
N ALA A 626 2.00 7.70 9.13
CA ALA A 626 0.71 7.49 9.80
C ALA A 626 0.63 6.28 10.73
N SER A 627 1.79 5.84 11.21
CA SER A 627 1.88 4.67 12.08
C SER A 627 0.78 4.46 13.11
N PRO A 628 0.43 5.49 13.89
CA PRO A 628 -0.62 5.35 14.90
C PRO A 628 -1.92 4.66 14.51
N ILE A 629 -2.33 4.84 13.25
CA ILE A 629 -3.55 4.21 12.77
C ILE A 629 -3.51 2.71 13.06
N TYR A 630 -2.35 2.10 12.81
CA TYR A 630 -2.17 0.67 13.03
C TYR A 630 -1.97 0.29 14.48
N LEU A 631 -1.11 1.05 15.17
CA LEU A 631 -0.81 0.79 16.56
C LEU A 631 -2.03 0.87 17.47
N LEU A 632 -2.84 1.91 17.28
CA LEU A 632 -4.03 2.07 18.09
C LEU A 632 -5.09 1.01 17.80
N GLY A 633 -5.32 0.74 16.51
CA GLY A 633 -6.31 -0.25 16.14
C GLY A 633 -5.99 -1.66 16.59
N LYS A 634 -4.73 -2.07 16.40
CA LYS A 634 -4.31 -3.42 16.76
C LYS A 634 -3.85 -3.64 18.20
N TYR A 635 -3.25 -2.62 18.82
CA TYR A 635 -2.75 -2.79 20.18
C TYR A 635 -3.46 -2.06 21.32
N TYR A 636 -4.30 -1.09 20.99
CA TYR A 636 -5.04 -0.39 22.02
C TYR A 636 -6.47 -0.88 21.91
N LEU A 637 -7.09 -0.75 20.74
CA LEU A 637 -8.44 -1.28 20.59
C LEU A 637 -8.25 -2.79 20.67
N GLY A 638 -7.01 -3.23 20.40
CA GLY A 638 -6.63 -4.63 20.45
C GLY A 638 -7.29 -5.66 19.56
N VAL A 639 -7.54 -5.31 18.31
CA VAL A 639 -8.20 -6.25 17.40
C VAL A 639 -7.29 -6.80 16.31
N LYS A 640 -7.47 -8.08 15.99
CA LYS A 640 -6.68 -8.74 14.95
C LYS A 640 -7.32 -10.07 14.58
N PRO A 641 -7.19 -10.50 13.32
CA PRO A 641 -7.79 -11.78 12.95
C PRO A 641 -6.86 -12.90 13.41
N THR A 642 -7.43 -14.04 13.80
CA THR A 642 -6.64 -15.20 14.24
C THR A 642 -6.85 -16.37 13.28
N LYS A 643 -7.76 -16.17 12.32
CA LYS A 643 -8.05 -17.13 11.27
C LYS A 643 -8.40 -16.26 10.07
N GLU A 644 -7.91 -16.63 8.90
CA GLU A 644 -8.11 -15.86 7.68
C GLU A 644 -9.48 -15.19 7.54
N GLY A 645 -9.46 -13.97 7.02
CA GLY A 645 -10.68 -13.19 6.82
C GLY A 645 -11.50 -12.95 8.07
N TYR A 646 -10.87 -12.99 9.23
CA TYR A 646 -11.55 -12.78 10.49
C TYR A 646 -12.56 -13.90 10.78
N LYS A 647 -12.32 -15.06 10.20
CA LYS A 647 -13.20 -16.21 10.43
C LYS A 647 -13.20 -16.37 11.94
N GLU A 648 -12.08 -16.00 12.54
CA GLU A 648 -11.91 -16.05 13.99
C GLU A 648 -11.03 -14.85 14.33
N PHE A 649 -11.34 -14.18 15.43
CA PHE A 649 -10.59 -12.99 15.82
C PHE A 649 -10.12 -13.04 17.26
N ALA A 650 -9.48 -11.96 17.68
CA ALA A 650 -8.99 -11.82 19.04
C ALA A 650 -9.09 -10.34 19.38
N VAL A 651 -9.67 -10.05 20.54
CA VAL A 651 -9.80 -8.68 20.99
C VAL A 651 -9.17 -8.59 22.37
N SER A 652 -8.06 -7.86 22.46
CA SER A 652 -7.35 -7.70 23.73
C SER A 652 -7.04 -6.22 23.95
N PRO A 653 -8.07 -5.42 24.31
CA PRO A 653 -7.97 -3.99 24.55
C PRO A 653 -7.08 -3.57 25.71
N VAL A 654 -6.31 -2.50 25.49
CA VAL A 654 -5.41 -1.96 26.51
C VAL A 654 -5.48 -0.44 26.39
N LEU A 655 -5.75 0.25 27.50
CA LEU A 655 -5.87 1.70 27.49
C LEU A 655 -4.54 2.43 27.44
N GLY A 656 -3.54 1.88 28.12
CA GLY A 656 -2.22 2.49 28.13
C GLY A 656 -2.19 3.96 28.52
N GLY A 657 -2.86 4.30 29.63
CA GLY A 657 -2.87 5.67 30.09
C GLY A 657 -4.15 6.41 29.81
N LEU A 658 -4.87 6.00 28.77
CA LEU A 658 -6.13 6.65 28.41
C LEU A 658 -7.20 6.36 29.44
N LYS A 659 -8.17 7.26 29.56
CA LYS A 659 -9.29 7.08 30.49
C LYS A 659 -10.38 6.29 29.79
N TRP A 660 -10.64 6.63 28.53
CA TRP A 660 -11.65 5.94 27.74
C TRP A 660 -11.27 6.04 26.27
N GLU A 662 -12.63 4.48 22.19
CA GLU A 662 -13.64 3.71 21.49
C GLU A 662 -13.34 3.69 20.00
N GLY A 663 -13.65 2.57 19.34
CA GLY A 663 -13.37 2.49 17.92
C GLY A 663 -14.00 1.35 17.17
N THR A 664 -13.76 1.34 15.86
CA THR A 664 -14.30 0.30 15.00
C THR A 664 -13.17 -0.23 14.13
N VAL A 665 -13.18 -1.55 13.90
CA VAL A 665 -12.17 -2.20 13.07
C VAL A 665 -12.95 -3.01 12.02
N PRO A 666 -12.77 -2.65 10.75
CA PRO A 666 -13.48 -3.38 9.69
C PRO A 666 -12.97 -4.80 9.45
N THR A 667 -13.84 -5.62 8.89
CA THR A 667 -13.53 -7.01 8.55
C THR A 667 -14.17 -7.19 7.17
N PRO A 668 -13.83 -8.26 6.45
CA PRO A 668 -14.43 -8.46 5.13
C PRO A 668 -15.93 -8.12 5.04
N ASN A 669 -16.74 -8.74 5.88
CA ASN A 669 -18.17 -8.48 5.87
C ASN A 669 -18.70 -8.19 7.27
N GLY A 670 -18.00 -7.32 8.00
CA GLY A 670 -18.44 -6.98 9.34
C GLY A 670 -17.55 -5.94 9.99
N ASP A 671 -17.69 -5.77 11.30
CA ASP A 671 -16.91 -4.80 12.04
C ASP A 671 -16.80 -5.24 13.48
N ILE A 672 -15.78 -4.73 14.17
CA ILE A 672 -15.62 -5.07 15.58
C ILE A 672 -15.52 -3.75 16.33
N HIS A 673 -16.58 -3.44 17.07
CA HIS A 673 -16.66 -2.21 17.85
C HIS A 673 -16.16 -2.50 19.25
N VAL A 674 -15.29 -1.64 19.76
CA VAL A 674 -14.74 -1.82 21.09
C VAL A 674 -14.79 -0.56 21.92
N TYR A 675 -15.22 -0.69 23.17
CA TYR A 675 -15.29 0.42 24.10
C TYR A 675 -14.62 0.01 25.39
N ASP A 677 -13.16 1.74 29.41
CA ASP A 677 -12.82 2.77 30.37
C ASP A 677 -12.20 2.01 31.54
N ASN A 678 -11.97 2.69 32.66
CA ASN A 678 -11.33 2.06 33.80
C ASN A 678 -12.12 0.94 34.50
N LYS A 679 -13.33 0.66 34.05
CA LYS A 679 -14.12 -0.40 34.71
C LYS A 679 -15.05 -1.17 33.78
N THR A 680 -15.17 -0.74 32.53
CA THR A 680 -16.06 -1.42 31.60
C THR A 680 -15.48 -1.61 30.20
N ILE A 681 -15.84 -2.73 29.59
CA ILE A 681 -15.39 -3.05 28.24
C ILE A 681 -16.60 -3.53 27.46
N LYS A 682 -16.80 -2.97 26.28
CA LYS A 682 -17.92 -3.38 25.45
C LYS A 682 -17.36 -3.79 24.10
N VAL A 683 -17.85 -4.91 23.58
CA VAL A 683 -17.39 -5.43 22.30
C VAL A 683 -18.56 -5.97 21.48
N LYS A 684 -18.65 -5.56 20.22
CA LYS A 684 -19.68 -6.04 19.33
C LYS A 684 -19.03 -6.46 18.02
N ALA A 685 -18.91 -7.77 17.82
CA ALA A 685 -18.30 -8.32 16.62
C ALA A 685 -19.35 -8.88 15.67
N THR A 686 -19.59 -8.17 14.57
CA THR A 686 -20.60 -8.60 13.61
C THR A 686 -20.16 -9.68 12.63
N GLU A 687 -18.95 -10.19 12.82
CA GLU A 687 -18.40 -11.26 11.98
C GLU A 687 -17.40 -12.11 12.76
N GLY A 688 -17.47 -13.42 12.55
CA GLY A 688 -16.55 -14.31 13.24
C GLY A 688 -16.77 -14.49 14.74
N LYS A 689 -15.88 -15.24 15.36
CA LYS A 689 -15.94 -15.51 16.80
C LYS A 689 -14.54 -15.33 17.32
N GLY A 690 -14.39 -15.34 18.64
CA GLY A 690 -13.06 -15.16 19.20
C GLY A 690 -13.08 -14.88 20.68
N TYR A 691 -11.90 -14.63 21.24
CA TYR A 691 -11.76 -14.35 22.67
C TYR A 691 -11.47 -12.90 23.00
N LEU A 692 -12.15 -12.40 24.03
CA LEU A 692 -11.92 -11.05 24.53
C LEU A 692 -11.08 -11.33 25.76
N THR A 693 -9.87 -10.79 25.79
CA THR A 693 -8.98 -11.01 26.92
C THR A 693 -8.99 -9.79 27.83
N ILE A 694 -9.26 -10.03 29.11
CA ILE A 694 -9.33 -8.95 30.09
C ILE A 694 -8.26 -9.07 31.15
N GLN A 695 -7.56 -7.97 31.42
CA GLN A 695 -6.54 -7.94 32.45
C GLN A 695 -7.25 -7.39 33.67
N SER A 696 -7.38 -8.20 34.72
CA SER A 696 -8.05 -7.77 35.94
C SER A 696 -7.44 -8.41 37.18
N ARG A 697 -7.61 -7.77 38.33
CA ARG A 697 -7.08 -8.30 39.58
C ARG A 697 -7.92 -9.52 39.95
N ARG A 698 -9.23 -9.32 40.06
CA ARG A 698 -10.15 -10.40 40.38
C ARG A 698 -11.05 -10.65 39.17
N GLN A 699 -11.76 -11.77 39.17
CA GLN A 699 -12.62 -12.13 38.05
C GLN A 699 -13.61 -11.07 37.60
N PRO A 700 -13.65 -10.82 36.29
CA PRO A 700 -14.57 -9.83 35.71
C PRO A 700 -15.97 -10.45 35.61
N LYS A 701 -16.97 -9.61 35.39
CA LYS A 701 -18.34 -10.09 35.24
C LYS A 701 -18.77 -9.85 33.80
N ALA A 702 -19.49 -10.81 33.22
CA ALA A 702 -19.94 -10.68 31.85
C ALA A 702 -21.46 -10.76 31.73
N ASN A 703 -22.02 -10.03 30.77
CA ASN A 703 -23.46 -10.05 30.58
C ASN A 703 -23.84 -11.27 29.76
N GLY A 705 -22.12 -15.33 28.27
CA GLY A 705 -21.08 -16.34 28.35
C GLY A 705 -20.38 -16.44 29.68
N THR A 706 -19.37 -17.31 29.73
CA THR A 706 -18.61 -17.56 30.94
C THR A 706 -17.21 -16.94 30.90
N VAL A 707 -16.86 -16.21 31.94
CA VAL A 707 -15.54 -15.60 32.02
C VAL A 707 -14.57 -16.63 32.55
N GLU A 708 -13.59 -17.00 31.74
CA GLU A 708 -12.61 -18.03 32.09
C GLU A 708 -11.24 -17.44 32.44
N LYS A 709 -10.60 -18.00 33.47
CA LYS A 709 -9.28 -17.51 33.90
C LYS A 709 -8.16 -18.14 33.10
N VAL A 710 -7.44 -17.31 32.35
CA VAL A 710 -6.33 -17.78 31.54
C VAL A 710 -5.12 -18.03 32.43
N SER A 711 -4.77 -17.02 33.21
CA SER A 711 -3.63 -17.12 34.12
C SER A 711 -3.74 -16.07 35.21
N GLU A 712 -2.65 -15.81 35.91
CA GLU A 712 -2.64 -14.84 36.99
C GLU A 712 -2.97 -13.43 36.49
N GLY A 713 -4.15 -12.96 36.88
CA GLY A 713 -4.58 -11.62 36.51
C GLY A 713 -5.06 -11.45 35.08
N VAL A 714 -5.23 -12.57 34.37
CA VAL A 714 -5.69 -12.51 32.99
C VAL A 714 -6.92 -13.40 32.77
N TRP A 715 -7.95 -12.83 32.18
CA TRP A 715 -9.20 -13.56 31.92
C TRP A 715 -9.59 -13.52 30.44
N ARG A 716 -10.47 -14.44 30.05
CA ARG A 716 -10.92 -14.51 28.66
C ARG A 716 -12.41 -14.77 28.57
N LEU A 717 -13.02 -14.32 27.48
CA LEU A 717 -14.44 -14.50 27.24
C LEU A 717 -14.65 -14.82 25.77
N TRP A 718 -15.37 -15.91 25.51
CA TRP A 718 -15.62 -16.32 24.14
C TRP A 718 -16.86 -15.67 23.57
N ILE A 719 -16.66 -14.84 22.55
CA ILE A 719 -17.75 -14.16 21.87
C ILE A 719 -18.06 -14.97 20.61
N ASP A 720 -19.32 -15.34 20.42
CA ASP A 720 -19.68 -16.16 19.27
C ASP A 720 -20.92 -15.68 18.53
N SER A 721 -21.21 -14.38 18.62
CA SER A 721 -22.37 -13.80 17.95
C SER A 721 -22.27 -12.29 17.91
N PRO A 722 -23.04 -11.64 17.03
CA PRO A 722 -23.01 -10.18 16.92
C PRO A 722 -23.62 -9.42 18.11
N GLU A 723 -24.13 -10.15 19.09
CA GLU A 723 -24.72 -9.51 20.27
C GLU A 723 -23.62 -8.81 21.08
N GLU A 724 -23.82 -7.54 21.40
CA GLU A 724 -22.82 -6.79 22.16
C GLU A 724 -22.57 -7.43 23.51
N ARG A 725 -21.29 -7.56 23.88
CA ARG A 725 -20.93 -8.13 25.17
C ARG A 725 -20.47 -6.97 26.05
N ILE A 726 -20.78 -7.05 27.34
CA ILE A 726 -20.39 -6.02 28.29
C ILE A 726 -19.78 -6.70 29.51
N VAL A 727 -18.56 -6.33 29.86
CA VAL A 727 -17.89 -6.90 31.02
C VAL A 727 -17.34 -5.81 31.91
N THR A 728 -17.40 -6.03 33.22
CA THR A 728 -16.88 -5.06 34.17
C THR A 728 -15.68 -5.71 34.83
N TYR A 729 -14.61 -4.93 34.99
CA TYR A 729 -13.38 -5.42 35.59
C TYR A 729 -12.75 -4.32 36.43
N ARG A 730 -11.58 -4.60 36.97
CA ARG A 730 -10.86 -3.63 37.79
C ARG A 730 -9.41 -4.08 37.87
N LEU A 731 -8.55 -3.40 37.12
CA LEU A 731 -7.13 -3.74 37.08
C LEU A 731 -6.46 -3.56 38.44
#